data_3FLM
#
_entry.id   3FLM
#
_cell.length_a   118.067
_cell.length_b   118.067
_cell.length_c   176.477
_cell.angle_alpha   90.00
_cell.angle_beta   90.00
_cell.angle_gamma   90.00
#
_symmetry.space_group_name_H-M   'P 41 21 2'
#
loop_
_entity.id
_entity.type
_entity.pdbx_description
1 polymer '2-succinyl-5-enolpyruvyl-6-hydroxy-3-cyclohexene-1-carboxylate synthase'
2 water water
#
_entity_poly.entity_id   1
_entity_poly.type   'polypeptide(L)'
_entity_poly.pdbx_seq_one_letter_code
;MSVSAFNRRWAAVILEALTRHGVRHICIAPGSRSTLLTLAAAENSAFIHHTHFDERGLGHLALGLAKVSKQPVAVIVTSG
TAVANLYPALIEAGLTGEKLILLTADRPPELIDCGANQAIRQPGMFASHPTHSISLPRPTQDIPARWLVSTIDHALGTLH
AGGVHINCPFAEPLYGEMDDTGLSWQQRLGDWWQDDKPWLREAPRLESEKQRDWFFWRQKRGVVVAGRMSAEEGKKVALW
AQTLGWPLIGDVLSQTGQPLPCADLWLGNAKATSELQQAQIVVQLGSSLTGKRLLQWQASCEPEEYWIVDDIEGRLDPAH
HRGRRLIANIADWLELHPAEKRQPWCVEIPRLAEQAMQAVIARRDAFGEAQLAHRICDYLPEQGQLFVGNSLVVRLIDAL
SQLPAGYPVYSNRGASGIDGLLSTAAGVQRASGKPTLAIVGDLSALYDLNALALLRQVSAPLVLIVVNNNGGQIFSLLPT
PQSERERFYLMPQNVHFEHAAAMFELKYHRPQNWQELETAFADAWRTPTTTVIEMVVNDTDGAQTLQQLLAQVSHL
;
_entity_poly.pdbx_strand_id   A,B
#
# COMPACT_ATOMS: atom_id res chain seq x y z
N SER A 2 -8.68 11.17 -35.31
CA SER A 2 -7.90 10.12 -34.55
C SER A 2 -7.71 10.39 -33.06
N VAL A 3 -8.58 9.79 -32.25
CA VAL A 3 -8.50 9.85 -30.77
C VAL A 3 -7.08 9.57 -30.19
N SER A 4 -6.34 8.65 -30.75
CA SER A 4 -5.10 8.47 -30.12
C SER A 4 -4.08 9.49 -30.54
N ALA A 5 -4.17 10.16 -31.67
CA ALA A 5 -3.22 11.32 -31.78
C ALA A 5 -3.57 12.50 -30.81
N PHE A 6 -4.83 12.77 -30.58
CA PHE A 6 -5.08 13.89 -29.74
C PHE A 6 -4.63 13.52 -28.29
N ASN A 7 -5.05 12.36 -27.81
CA ASN A 7 -4.73 11.92 -26.43
C ASN A 7 -3.23 12.07 -26.15
N ARG A 8 -2.37 11.97 -27.19
CA ARG A 8 -0.90 12.17 -27.04
C ARG A 8 -0.46 13.58 -26.91
N ARG A 9 -1.13 14.48 -27.58
CA ARG A 9 -0.81 15.88 -27.42
C ARG A 9 -1.32 16.38 -26.11
N TRP A 10 -2.53 15.95 -25.77
CA TRP A 10 -3.06 16.17 -24.46
C TRP A 10 -1.99 15.78 -23.40
N ALA A 11 -1.45 14.56 -23.38
CA ALA A 11 -0.40 14.23 -22.37
C ALA A 11 0.85 15.07 -22.54
N ALA A 12 1.27 15.29 -23.77
CA ALA A 12 2.57 15.93 -23.91
C ALA A 12 2.41 17.29 -23.33
N VAL A 13 1.20 17.87 -23.51
CA VAL A 13 0.98 19.17 -22.94
C VAL A 13 1.06 19.10 -21.42
N ILE A 14 0.54 18.04 -20.80
CA ILE A 14 0.59 18.02 -19.33
C ILE A 14 2.05 17.93 -18.87
N LEU A 15 2.89 17.07 -19.49
CA LEU A 15 4.25 16.91 -19.07
C LEU A 15 5.12 18.18 -19.26
N GLU A 16 4.97 18.79 -20.42
CA GLU A 16 5.77 19.97 -20.69
C GLU A 16 5.50 20.98 -19.54
N ALA A 17 4.23 21.23 -19.19
CA ALA A 17 3.94 22.19 -18.09
C ALA A 17 4.68 21.81 -16.80
N LEU A 18 4.68 20.52 -16.40
CA LEU A 18 5.33 20.19 -15.10
C LEU A 18 6.75 20.70 -15.07
N THR A 19 7.36 20.56 -16.22
CA THR A 19 8.69 21.02 -16.50
C THR A 19 8.86 22.46 -16.13
N ARG A 20 7.81 23.28 -16.09
CA ARG A 20 8.06 24.70 -15.88
C ARG A 20 7.99 25.08 -14.40
N HIS A 21 7.87 24.04 -13.53
CA HIS A 21 7.66 24.29 -12.05
C HIS A 21 8.66 23.65 -11.21
N GLY A 22 9.69 23.14 -11.91
CA GLY A 22 10.92 22.58 -11.36
C GLY A 22 11.04 21.06 -11.51
N VAL A 23 10.11 20.36 -12.17
CA VAL A 23 10.04 18.93 -12.03
C VAL A 23 11.10 18.36 -12.93
N ARG A 24 12.09 17.65 -12.41
CA ARG A 24 13.16 17.09 -13.18
C ARG A 24 13.02 15.58 -12.98
N HIS A 25 12.95 15.08 -11.74
CA HIS A 25 12.89 13.66 -11.53
C HIS A 25 11.50 13.10 -11.93
N ILE A 26 11.42 11.88 -12.45
CA ILE A 26 10.11 11.31 -12.75
C ILE A 26 10.11 9.80 -12.36
N CYS A 27 9.09 9.39 -11.61
CA CYS A 27 9.09 8.00 -11.25
C CYS A 27 7.98 7.30 -11.93
N ILE A 28 8.35 6.30 -12.71
CA ILE A 28 7.46 5.40 -13.48
C ILE A 28 7.59 3.89 -13.10
N ALA A 29 6.48 3.17 -13.18
CA ALA A 29 6.56 1.70 -13.25
C ALA A 29 5.93 1.29 -14.52
N PRO A 30 6.50 0.29 -15.22
CA PRO A 30 5.70 -0.43 -16.31
C PRO A 30 4.10 -0.57 -16.12
N GLY A 31 3.31 -0.40 -17.18
CA GLY A 31 1.84 -0.65 -17.15
C GLY A 31 1.08 -0.38 -18.45
N SER A 32 0.08 -1.22 -18.78
CA SER A 32 -0.49 -1.13 -20.14
C SER A 32 -1.52 0.00 -20.45
N ARG A 33 -1.88 0.79 -19.44
CA ARG A 33 -2.55 2.06 -19.65
C ARG A 33 -2.00 3.46 -19.43
N SER A 34 -1.17 3.60 -18.40
CA SER A 34 -0.35 4.78 -18.24
C SER A 34 0.38 5.12 -19.53
N THR A 35 0.46 4.13 -20.43
CA THR A 35 1.40 4.24 -21.54
C THR A 35 1.43 5.63 -22.09
N LEU A 36 0.34 6.37 -21.97
CA LEU A 36 0.30 7.61 -22.70
C LEU A 36 1.22 8.60 -22.08
N LEU A 37 1.34 8.53 -20.77
CA LEU A 37 1.96 9.61 -20.06
C LEU A 37 3.39 9.26 -19.96
N THR A 38 3.64 7.97 -19.86
CA THR A 38 4.94 7.37 -20.02
C THR A 38 5.63 7.64 -21.30
N LEU A 39 5.01 7.22 -22.37
CA LEU A 39 5.42 7.58 -23.73
C LEU A 39 5.78 9.06 -23.79
N ALA A 40 4.79 9.90 -23.44
CA ALA A 40 4.95 11.34 -23.34
C ALA A 40 6.18 11.85 -22.54
N ALA A 41 6.51 11.18 -21.43
CA ALA A 41 7.66 11.50 -20.57
C ALA A 41 8.98 10.93 -21.13
N ALA A 42 8.88 9.76 -21.78
CA ALA A 42 10.05 9.22 -22.49
C ALA A 42 10.47 10.19 -23.64
N GLU A 43 9.54 10.68 -24.46
CA GLU A 43 9.85 11.75 -25.39
C GLU A 43 10.37 13.06 -24.74
N ASN A 44 10.04 13.36 -23.49
CA ASN A 44 10.41 14.72 -23.02
C ASN A 44 11.82 14.63 -22.46
N SER A 45 12.75 15.34 -23.06
CA SER A 45 14.20 15.15 -22.73
C SER A 45 14.62 15.80 -21.41
N ALA A 46 13.71 16.58 -20.79
CA ALA A 46 13.95 17.26 -19.50
C ALA A 46 13.89 16.42 -18.23
N PHE A 47 13.46 15.16 -18.27
CA PHE A 47 13.21 14.40 -17.05
C PHE A 47 14.32 13.35 -16.71
N ILE A 48 14.63 13.20 -15.40
CA ILE A 48 15.33 11.97 -14.98
C ILE A 48 14.33 10.84 -14.70
N HIS A 49 14.53 9.74 -15.38
CA HIS A 49 13.66 8.58 -15.24
C HIS A 49 14.03 7.68 -14.03
N HIS A 50 13.05 7.15 -13.29
CA HIS A 50 13.30 6.22 -12.24
C HIS A 50 12.20 5.18 -12.32
N THR A 51 12.42 3.91 -11.98
CA THR A 51 11.34 2.90 -12.06
C THR A 51 11.44 1.94 -10.89
N HIS A 52 10.35 1.22 -10.68
CA HIS A 52 10.16 0.24 -9.66
C HIS A 52 8.88 -0.37 -9.91
N PHE A 53 8.75 -1.67 -9.74
CA PHE A 53 7.52 -2.41 -10.03
C PHE A 53 6.61 -2.41 -8.85
N ASP A 54 7.08 -2.27 -7.60
CA ASP A 54 6.11 -2.11 -6.50
C ASP A 54 5.62 -0.59 -6.45
N GLU A 55 4.34 -0.32 -6.73
CA GLU A 55 3.96 1.09 -6.72
C GLU A 55 4.10 1.77 -5.34
N ARG A 56 3.79 1.06 -4.25
CA ARG A 56 4.04 1.61 -2.95
C ARG A 56 5.48 2.12 -2.93
N GLY A 57 6.39 1.26 -3.38
CA GLY A 57 7.82 1.57 -3.26
C GLY A 57 8.15 2.74 -4.16
N LEU A 58 7.66 2.74 -5.39
CA LEU A 58 7.77 3.95 -6.22
C LEU A 58 7.33 5.24 -5.54
N GLY A 59 6.32 5.21 -4.71
CA GLY A 59 5.89 6.49 -4.09
C GLY A 59 6.96 6.92 -3.14
N HIS A 60 7.38 6.02 -2.24
CA HIS A 60 8.53 6.25 -1.41
C HIS A 60 9.84 6.66 -2.05
N LEU A 61 10.18 6.05 -3.20
CA LEU A 61 11.34 6.48 -3.95
C LEU A 61 11.19 7.94 -4.42
N ALA A 62 10.02 8.27 -4.98
CA ALA A 62 9.76 9.70 -5.22
C ALA A 62 9.99 10.56 -3.96
N LEU A 63 9.38 10.14 -2.83
CA LEU A 63 9.46 10.87 -1.57
C LEU A 63 10.89 11.08 -1.15
N GLY A 64 11.70 10.02 -1.28
CA GLY A 64 13.17 10.10 -1.03
C GLY A 64 13.75 11.27 -1.80
N LEU A 65 13.52 11.29 -3.09
CA LEU A 65 14.12 12.28 -3.97
C LEU A 65 13.64 13.70 -3.60
N ALA A 66 12.31 13.83 -3.43
CA ALA A 66 11.78 15.15 -3.19
C ALA A 66 12.43 15.64 -1.89
N LYS A 67 12.48 14.72 -0.92
CA LYS A 67 13.08 14.97 0.38
C LYS A 67 14.46 15.68 0.36
N VAL A 68 15.33 15.13 -0.42
CA VAL A 68 16.64 15.69 -0.52
C VAL A 68 16.74 16.82 -1.55
N SER A 69 16.13 16.67 -2.72
CA SER A 69 16.35 17.66 -3.75
C SER A 69 15.56 18.90 -3.44
N LYS A 70 14.51 18.79 -2.64
CA LYS A 70 13.68 19.95 -2.22
C LYS A 70 12.92 20.46 -3.43
N GLN A 71 12.92 19.64 -4.49
CA GLN A 71 12.14 19.96 -5.67
C GLN A 71 10.95 19.09 -5.97
N PRO A 72 10.03 19.62 -6.76
CA PRO A 72 8.86 18.70 -6.96
C PRO A 72 9.22 17.53 -7.86
N VAL A 73 8.54 16.40 -7.63
CA VAL A 73 8.81 15.15 -8.26
C VAL A 73 7.56 14.40 -8.69
N ALA A 74 7.53 14.08 -9.96
CA ALA A 74 6.40 13.40 -10.54
C ALA A 74 6.42 11.91 -10.34
N VAL A 75 5.23 11.33 -10.38
CA VAL A 75 5.11 9.95 -10.31
C VAL A 75 4.06 9.68 -11.32
N ILE A 76 4.26 8.68 -12.19
CA ILE A 76 3.23 8.28 -13.12
C ILE A 76 2.77 6.85 -12.97
N VAL A 77 1.48 6.61 -12.99
CA VAL A 77 1.07 5.21 -12.80
C VAL A 77 -0.09 4.88 -13.61
N THR A 78 -0.23 3.59 -13.77
CA THR A 78 -1.38 3.11 -14.46
C THR A 78 -2.66 3.13 -13.62
N SER A 79 -3.80 3.07 -14.26
CA SER A 79 -5.11 3.10 -13.62
C SER A 79 -5.38 1.91 -12.71
N GLY A 80 -6.26 2.05 -11.73
CA GLY A 80 -6.61 0.93 -10.80
C GLY A 80 -5.83 0.91 -9.46
N THR A 81 -5.70 -0.29 -8.84
CA THR A 81 -4.90 -0.51 -7.55
C THR A 81 -3.53 0.01 -7.60
N ALA A 82 -2.94 0.16 -8.79
CA ALA A 82 -1.60 0.86 -8.78
C ALA A 82 -1.74 2.14 -8.04
N VAL A 83 -2.80 2.90 -8.28
CA VAL A 83 -2.95 4.17 -7.66
C VAL A 83 -3.07 4.14 -6.12
N ALA A 84 -3.94 3.29 -5.59
CA ALA A 84 -4.07 3.32 -4.16
C ALA A 84 -2.72 3.20 -3.50
N ASN A 85 -1.80 2.43 -4.13
CA ASN A 85 -0.49 2.18 -3.50
C ASN A 85 0.28 3.44 -3.32
N LEU A 86 -0.01 4.56 -4.00
CA LEU A 86 0.73 5.83 -3.77
C LEU A 86 0.37 6.38 -2.36
N TYR A 87 -0.62 5.75 -1.74
CA TYR A 87 -1.20 6.39 -0.58
C TYR A 87 -0.34 6.64 0.64
N PRO A 88 0.42 5.62 1.06
CA PRO A 88 1.42 5.95 2.07
C PRO A 88 2.35 7.18 1.70
N ALA A 89 3.16 7.17 0.64
CA ALA A 89 4.10 8.27 0.46
C ALA A 89 3.33 9.58 0.40
N LEU A 90 2.11 9.49 -0.12
CA LEU A 90 1.32 10.69 -0.26
C LEU A 90 1.01 11.25 1.06
N ILE A 91 0.50 10.42 1.98
CA ILE A 91 0.19 10.82 3.32
C ILE A 91 1.44 11.42 4.05
N GLU A 92 2.54 10.65 4.13
CA GLU A 92 3.81 11.19 4.64
C GLU A 92 4.13 12.57 4.04
N ALA A 93 4.08 12.75 2.73
CA ALA A 93 4.46 14.04 2.12
C ALA A 93 3.61 15.18 2.64
N GLY A 94 2.35 14.87 2.81
CA GLY A 94 1.40 15.90 3.16
C GLY A 94 1.74 16.27 4.57
N LEU A 95 2.45 15.45 5.34
CA LEU A 95 2.80 15.87 6.65
C LEU A 95 4.18 16.47 6.65
N THR A 96 5.06 16.14 5.71
CA THR A 96 6.33 16.81 5.85
C THR A 96 6.70 17.78 4.77
N GLY A 97 6.00 17.80 3.64
CA GLY A 97 6.19 18.88 2.76
C GLY A 97 6.58 18.51 1.37
N GLU A 98 6.85 17.22 1.11
CA GLU A 98 7.42 16.84 -0.15
C GLU A 98 6.47 17.13 -1.24
N LYS A 99 6.96 17.79 -2.26
CA LYS A 99 6.12 18.00 -3.39
C LYS A 99 6.00 16.80 -4.30
N LEU A 100 5.16 15.85 -3.99
CA LEU A 100 4.92 14.77 -4.93
C LEU A 100 3.87 15.05 -5.97
N ILE A 101 4.19 15.15 -7.25
CA ILE A 101 3.08 15.36 -8.19
C ILE A 101 2.55 14.04 -8.79
N LEU A 102 1.43 13.53 -8.38
CA LEU A 102 1.09 12.21 -8.95
C LEU A 102 0.22 12.26 -10.10
N LEU A 103 0.66 11.74 -11.26
CA LEU A 103 -0.26 11.65 -12.33
C LEU A 103 -0.83 10.28 -12.51
N THR A 104 -2.12 10.13 -12.19
CA THR A 104 -2.72 8.81 -12.20
C THR A 104 -3.48 8.52 -13.50
N ALA A 105 -2.98 7.66 -14.36
CA ALA A 105 -3.76 7.55 -15.58
C ALA A 105 -5.19 6.95 -15.18
N ASP A 106 -6.28 7.46 -15.75
CA ASP A 106 -7.59 6.89 -15.44
C ASP A 106 -8.20 6.27 -16.68
N ARG A 107 -9.07 5.28 -16.48
CA ARG A 107 -10.00 4.98 -17.52
C ARG A 107 -10.93 6.25 -17.78
N PRO A 108 -11.52 6.37 -19.00
CA PRO A 108 -12.37 7.49 -19.27
C PRO A 108 -13.66 7.33 -18.53
N PRO A 109 -14.46 8.42 -18.39
CA PRO A 109 -15.52 8.19 -17.49
C PRO A 109 -16.64 7.42 -18.20
N GLU A 110 -16.66 7.22 -19.49
CA GLU A 110 -17.65 6.23 -19.93
C GLU A 110 -17.45 4.96 -19.16
N LEU A 111 -16.22 4.64 -18.74
CA LEU A 111 -15.91 3.23 -18.39
C LEU A 111 -15.77 3.04 -16.87
N ILE A 112 -16.56 3.82 -16.12
CA ILE A 112 -16.44 3.70 -14.72
C ILE A 112 -17.74 3.18 -14.17
N ASP A 113 -17.64 2.27 -13.20
CA ASP A 113 -18.74 1.65 -12.52
C ASP A 113 -19.56 0.80 -13.41
N CYS A 114 -18.92 0.08 -14.31
CA CYS A 114 -19.75 -0.66 -15.28
C CYS A 114 -19.07 -1.95 -15.65
N GLY A 115 -18.20 -2.39 -14.78
CA GLY A 115 -17.65 -3.72 -14.90
C GLY A 115 -16.43 -3.84 -15.75
N ALA A 116 -15.82 -2.75 -16.23
CA ALA A 116 -14.53 -2.77 -17.01
C ALA A 116 -13.33 -3.18 -16.17
N ASN A 117 -12.26 -3.61 -16.82
CA ASN A 117 -11.08 -4.00 -16.13
C ASN A 117 -10.23 -2.81 -15.65
N GLN A 118 -9.54 -3.05 -14.54
CA GLN A 118 -8.49 -2.18 -14.11
C GLN A 118 -9.15 -0.77 -14.05
N ALA A 119 -10.40 -0.79 -13.59
CA ALA A 119 -11.18 0.40 -13.57
C ALA A 119 -11.82 0.60 -12.15
N ILE A 120 -11.50 1.72 -11.50
CA ILE A 120 -12.02 2.08 -10.15
C ILE A 120 -12.31 3.62 -10.03
N ARG A 121 -13.02 4.02 -8.98
CA ARG A 121 -13.39 5.43 -8.82
C ARG A 121 -12.16 6.20 -8.30
N GLN A 122 -11.49 7.00 -9.16
CA GLN A 122 -10.15 7.58 -8.74
C GLN A 122 -10.23 9.04 -8.20
N PRO A 123 -10.98 9.93 -8.87
CA PRO A 123 -10.99 11.32 -8.39
C PRO A 123 -11.44 11.30 -6.92
N GLY A 124 -10.72 11.94 -6.03
CA GLY A 124 -11.24 12.14 -4.67
C GLY A 124 -10.65 11.07 -3.77
N MET A 125 -9.83 10.26 -4.38
CA MET A 125 -9.43 8.97 -3.87
C MET A 125 -8.56 9.06 -2.64
N PHE A 126 -7.98 10.24 -2.45
CA PHE A 126 -6.99 10.36 -1.50
C PHE A 126 -7.49 11.34 -0.52
N ALA A 127 -8.76 11.71 -0.62
CA ALA A 127 -9.46 12.54 0.41
C ALA A 127 -8.65 13.78 0.62
N SER A 128 -8.40 14.26 1.82
CA SER A 128 -7.76 15.60 1.97
C SER A 128 -6.25 15.44 2.08
N HIS A 129 -5.68 14.44 1.47
CA HIS A 129 -4.31 14.21 1.85
C HIS A 129 -3.46 15.07 0.94
N PRO A 130 -3.84 15.15 -0.36
CA PRO A 130 -3.17 16.01 -1.28
C PRO A 130 -3.32 17.45 -0.88
N THR A 131 -2.30 18.27 -1.04
CA THR A 131 -2.58 19.62 -0.99
C THR A 131 -3.57 20.04 -2.09
N HIS A 132 -3.37 19.71 -3.36
CA HIS A 132 -4.35 20.08 -4.38
C HIS A 132 -4.88 18.80 -5.08
N SER A 133 -6.13 18.74 -5.50
CA SER A 133 -6.40 17.66 -6.37
C SER A 133 -7.00 18.18 -7.65
N ILE A 134 -6.31 18.06 -8.78
CA ILE A 134 -6.95 18.12 -10.07
C ILE A 134 -7.56 16.77 -10.54
N SER A 135 -8.70 16.91 -11.17
CA SER A 135 -9.43 15.83 -11.62
C SER A 135 -9.72 16.24 -13.09
N LEU A 136 -8.70 16.13 -13.98
CA LEU A 136 -8.85 16.50 -15.42
C LEU A 136 -10.08 15.87 -16.08
N PRO A 137 -10.73 16.63 -16.96
CA PRO A 137 -11.86 16.21 -17.77
C PRO A 137 -11.41 15.25 -18.90
N ARG A 138 -12.25 14.32 -19.40
CA ARG A 138 -12.03 13.56 -20.66
C ARG A 138 -11.41 14.47 -21.74
N PRO A 139 -10.30 14.03 -22.40
CA PRO A 139 -9.68 14.94 -23.33
C PRO A 139 -10.55 15.29 -24.54
N THR A 140 -10.49 16.52 -24.97
CA THR A 140 -11.24 16.93 -26.16
C THR A 140 -10.53 18.18 -26.66
N GLN A 141 -10.54 18.37 -27.98
CA GLN A 141 -9.99 19.51 -28.67
C GLN A 141 -10.87 20.79 -28.41
N ASP A 142 -12.04 20.61 -27.81
CA ASP A 142 -12.84 21.82 -27.59
C ASP A 142 -12.56 22.41 -26.28
N ILE A 143 -11.62 21.85 -25.51
CA ILE A 143 -11.01 22.62 -24.37
C ILE A 143 -9.64 23.07 -24.77
N PRO A 144 -9.36 24.37 -24.68
CA PRO A 144 -8.04 24.83 -25.15
C PRO A 144 -6.87 24.35 -24.28
N ALA A 145 -5.78 23.96 -24.91
CA ALA A 145 -4.47 23.84 -24.26
C ALA A 145 -4.18 24.91 -23.21
N ARG A 146 -4.56 26.15 -23.44
CA ARG A 146 -4.21 27.15 -22.44
C ARG A 146 -5.13 26.95 -21.17
N TRP A 147 -6.26 26.24 -21.27
CA TRP A 147 -6.97 25.87 -20.04
C TRP A 147 -6.15 24.82 -19.35
N LEU A 148 -5.83 23.78 -20.07
CA LEU A 148 -5.16 22.65 -19.48
C LEU A 148 -3.85 23.12 -18.83
N VAL A 149 -2.99 23.87 -19.53
CA VAL A 149 -1.75 24.18 -18.86
C VAL A 149 -2.00 25.11 -17.73
N SER A 150 -3.02 25.93 -17.86
CA SER A 150 -3.23 26.82 -16.67
C SER A 150 -3.73 26.06 -15.47
N THR A 151 -4.49 24.99 -15.65
CA THR A 151 -4.87 24.29 -14.44
C THR A 151 -3.65 23.70 -13.75
N ILE A 152 -2.72 23.09 -14.50
CA ILE A 152 -1.53 22.49 -13.95
C ILE A 152 -0.80 23.58 -13.19
N ASP A 153 -0.67 24.73 -13.86
CA ASP A 153 0.04 25.93 -13.36
C ASP A 153 -0.46 26.55 -12.09
N HIS A 154 -1.77 26.66 -12.02
CA HIS A 154 -2.45 26.98 -10.77
C HIS A 154 -1.96 26.08 -9.59
N ALA A 155 -2.22 24.77 -9.68
CA ALA A 155 -1.74 23.80 -8.67
C ALA A 155 -0.23 23.90 -8.35
N LEU A 156 0.66 23.74 -9.30
CA LEU A 156 2.06 23.78 -8.94
C LEU A 156 2.44 25.19 -8.41
N GLY A 157 1.95 26.21 -9.08
CA GLY A 157 2.35 27.52 -8.69
C GLY A 157 2.00 27.89 -7.25
N THR A 158 0.87 27.44 -6.72
CA THR A 158 0.44 27.90 -5.45
C THR A 158 0.72 26.87 -4.46
N LEU A 159 1.46 25.83 -4.88
CA LEU A 159 1.81 24.78 -3.96
C LEU A 159 2.92 25.17 -2.97
N HIS A 160 2.51 25.47 -1.74
CA HIS A 160 3.54 25.67 -0.64
C HIS A 160 4.17 24.36 -0.24
N ALA A 161 3.44 23.26 -0.13
CA ALA A 161 4.05 22.01 0.31
C ALA A 161 3.06 20.85 0.14
N GLY A 162 3.59 19.63 0.17
CA GLY A 162 2.78 18.41 0.05
C GLY A 162 2.55 18.00 -1.40
N GLY A 163 1.63 17.02 -1.57
CA GLY A 163 1.35 16.37 -2.82
C GLY A 163 0.20 16.95 -3.57
N VAL A 164 0.16 16.64 -4.84
CA VAL A 164 -0.90 17.08 -5.70
C VAL A 164 -1.33 15.85 -6.47
N HIS A 165 -2.56 15.44 -6.40
CA HIS A 165 -3.06 14.37 -7.18
C HIS A 165 -3.53 14.98 -8.41
N ILE A 166 -3.10 14.50 -9.57
CA ILE A 166 -3.65 14.91 -10.83
C ILE A 166 -4.15 13.63 -11.50
N ASN A 167 -5.47 13.33 -11.47
CA ASN A 167 -6.07 12.21 -12.26
C ASN A 167 -6.15 12.54 -13.77
N CYS A 168 -5.64 11.65 -14.57
CA CYS A 168 -5.59 11.84 -16.00
C CYS A 168 -6.31 10.74 -16.79
N PRO A 169 -7.63 10.88 -16.98
CA PRO A 169 -8.38 9.95 -17.90
C PRO A 169 -7.94 10.15 -19.35
N PHE A 170 -7.92 9.05 -20.10
CA PHE A 170 -7.72 9.09 -21.50
C PHE A 170 -8.79 8.27 -22.13
N ALA A 171 -9.28 8.80 -23.24
CA ALA A 171 -10.22 8.14 -24.17
C ALA A 171 -9.79 6.73 -24.52
N GLU A 172 -10.71 5.89 -24.97
CA GLU A 172 -10.36 4.52 -25.41
C GLU A 172 -10.51 4.47 -26.92
N PRO A 173 -9.54 3.89 -27.65
CA PRO A 173 -8.34 3.07 -27.38
C PRO A 173 -7.15 3.91 -27.78
N LEU A 174 -6.02 3.75 -27.11
CA LEU A 174 -5.01 4.84 -27.10
C LEU A 174 -3.70 4.55 -27.90
N MET A 178 -2.73 7.97 -36.51
CA MET A 178 -1.43 8.43 -36.02
C MET A 178 -0.98 9.69 -36.76
N ASP A 179 -1.77 10.76 -36.62
CA ASP A 179 -1.83 11.79 -37.65
C ASP A 179 -2.25 12.99 -36.80
N ASP A 180 -2.52 14.12 -37.46
CA ASP A 180 -2.27 15.53 -37.23
C ASP A 180 -3.39 16.11 -36.37
N THR A 181 -4.07 15.23 -35.62
CA THR A 181 -5.22 15.65 -34.86
C THR A 181 -4.92 16.55 -33.68
N GLY A 182 -3.93 16.34 -32.88
CA GLY A 182 -3.92 17.44 -31.90
C GLY A 182 -3.22 18.77 -32.18
N LEU A 183 -2.78 18.95 -33.44
CA LEU A 183 -1.70 19.84 -33.82
C LEU A 183 -1.96 21.31 -33.75
N SER A 184 -2.96 21.78 -34.47
CA SER A 184 -3.19 23.19 -34.24
C SER A 184 -3.72 23.38 -32.88
N TRP A 185 -4.24 22.38 -32.21
CA TRP A 185 -4.63 22.59 -30.79
C TRP A 185 -3.40 22.97 -29.97
N GLN A 186 -2.35 22.14 -30.04
CA GLN A 186 -1.07 22.47 -29.46
C GLN A 186 -0.45 23.79 -29.92
N GLN A 187 -0.62 24.11 -31.20
CA GLN A 187 0.02 25.26 -31.87
C GLN A 187 -0.52 26.55 -31.21
N ARG A 188 -1.71 26.49 -30.59
CA ARG A 188 -2.35 27.74 -30.15
C ARG A 188 -1.62 28.34 -28.94
N LEU A 189 -0.67 27.54 -28.41
CA LEU A 189 0.15 27.94 -27.31
C LEU A 189 1.38 28.75 -27.74
N GLY A 190 1.56 28.86 -29.07
CA GLY A 190 2.58 29.68 -29.65
C GLY A 190 3.97 29.43 -29.05
N ASP A 191 4.69 30.53 -28.81
CA ASP A 191 6.12 30.38 -28.60
C ASP A 191 6.28 30.05 -27.12
N TRP A 192 5.15 29.74 -26.46
CA TRP A 192 5.26 29.11 -25.14
C TRP A 192 6.03 27.75 -25.25
N TRP A 193 5.98 27.09 -26.41
CA TRP A 193 6.68 25.84 -26.43
C TRP A 193 8.15 26.07 -26.29
N GLN A 194 8.66 27.30 -26.44
CA GLN A 194 10.13 27.46 -26.31
C GLN A 194 10.53 28.24 -25.05
N ASP A 195 9.76 28.20 -23.99
CA ASP A 195 10.03 29.23 -23.00
C ASP A 195 10.46 28.55 -21.75
N ASP A 196 11.19 29.22 -20.88
CA ASP A 196 11.41 28.67 -19.51
C ASP A 196 10.19 28.56 -18.56
N LYS A 197 9.22 29.45 -18.73
CA LYS A 197 8.37 29.92 -17.62
C LYS A 197 7.07 29.15 -17.64
N PRO A 198 6.32 29.16 -16.56
CA PRO A 198 4.92 28.66 -16.66
C PRO A 198 4.06 29.52 -17.61
N TRP A 199 2.88 29.04 -18.03
CA TRP A 199 2.01 29.82 -18.91
C TRP A 199 1.31 30.87 -18.09
N LEU A 200 1.05 30.55 -16.83
CA LEU A 200 0.40 31.51 -15.93
C LEU A 200 1.04 31.49 -14.55
N ARG A 201 1.86 32.49 -14.27
CA ARG A 201 2.64 32.51 -13.04
C ARG A 201 1.73 32.95 -11.95
N GLU A 202 1.60 32.10 -10.94
CA GLU A 202 0.84 32.44 -9.79
C GLU A 202 1.56 31.79 -8.59
N ALA A 203 2.46 32.53 -7.97
CA ALA A 203 3.24 31.94 -6.89
C ALA A 203 3.23 32.83 -5.69
N PRO A 204 2.09 33.04 -5.09
CA PRO A 204 2.14 33.89 -3.94
C PRO A 204 2.99 33.16 -2.89
N ARG A 205 3.65 33.83 -1.95
CA ARG A 205 4.33 33.17 -0.80
C ARG A 205 3.50 33.18 0.51
N LEU A 206 3.53 32.10 1.29
CA LEU A 206 2.84 32.06 2.56
C LEU A 206 3.86 32.27 3.58
N GLU A 207 3.70 33.28 4.41
CA GLU A 207 4.78 33.58 5.40
C GLU A 207 4.41 34.36 6.66
N SER A 208 4.70 33.84 7.83
CA SER A 208 4.53 34.67 8.99
C SER A 208 5.45 35.92 8.85
N GLU A 209 5.03 37.00 9.46
CA GLU A 209 5.84 38.17 9.46
C GLU A 209 6.68 38.34 10.75
N LYS A 210 7.53 39.35 10.68
CA LYS A 210 8.50 39.59 11.65
C LYS A 210 7.88 39.79 13.06
N GLN A 211 8.39 39.11 14.07
CA GLN A 211 7.92 39.35 15.44
C GLN A 211 8.50 40.72 15.99
N ARG A 212 7.63 41.70 16.00
CA ARG A 212 8.08 43.06 16.38
C ARG A 212 8.56 43.10 17.84
N ASP A 213 8.18 42.10 18.63
CA ASP A 213 8.60 42.15 20.01
C ASP A 213 9.74 41.19 20.34
N TRP A 214 10.38 40.68 19.30
CA TRP A 214 11.56 39.89 19.45
C TRP A 214 12.64 40.59 20.30
N PHE A 215 12.76 41.91 20.16
CA PHE A 215 13.87 42.59 20.81
C PHE A 215 13.75 42.65 22.32
N PHE A 216 12.51 42.63 22.77
CA PHE A 216 12.11 42.25 24.12
C PHE A 216 12.42 40.77 24.43
N TRP A 217 11.70 39.83 23.78
CA TRP A 217 11.86 38.40 24.11
C TRP A 217 13.28 37.82 24.08
N ARG A 218 14.11 38.38 23.18
CA ARG A 218 15.48 37.88 23.03
C ARG A 218 16.32 38.28 24.23
N GLN A 219 15.76 39.01 25.20
CA GLN A 219 16.50 39.32 26.43
C GLN A 219 16.02 38.43 27.60
N LYS A 220 15.04 37.56 27.35
CA LYS A 220 14.56 36.77 28.48
C LYS A 220 15.30 35.47 28.59
N ARG A 221 15.04 34.74 29.66
CA ARG A 221 15.60 33.40 29.70
C ARG A 221 14.85 32.50 28.67
N GLY A 222 15.39 32.28 27.46
CA GLY A 222 14.70 31.41 26.52
C GLY A 222 15.43 30.09 26.52
N VAL A 223 14.80 29.08 25.90
CA VAL A 223 15.42 27.80 25.62
C VAL A 223 15.18 27.58 24.17
N VAL A 224 16.16 27.08 23.44
CA VAL A 224 15.99 26.76 22.05
C VAL A 224 15.82 25.27 21.89
N VAL A 225 14.88 24.81 21.09
CA VAL A 225 14.74 23.37 20.77
C VAL A 225 14.73 23.20 19.23
N ALA A 226 15.58 22.33 18.74
CA ALA A 226 15.85 22.20 17.34
C ALA A 226 15.33 20.84 16.87
N GLY A 227 14.41 20.82 15.92
CA GLY A 227 13.87 19.61 15.31
C GLY A 227 14.47 19.43 13.92
N ARG A 228 13.71 18.83 13.03
CA ARG A 228 14.18 18.43 11.75
C ARG A 228 14.31 19.73 11.03
N MET A 229 15.44 19.97 10.41
CA MET A 229 15.68 21.19 9.56
C MET A 229 16.77 20.87 8.53
N SER A 230 17.03 21.72 7.59
CA SER A 230 18.20 21.47 6.73
C SER A 230 19.62 21.45 7.51
N ALA A 231 20.64 20.87 6.91
CA ALA A 231 21.88 20.80 7.56
C ALA A 231 22.44 22.20 7.75
N GLU A 232 22.28 23.06 6.75
CA GLU A 232 22.78 24.45 6.93
C GLU A 232 22.13 25.10 8.09
N GLU A 233 20.85 24.89 8.19
CA GLU A 233 20.08 25.39 9.26
C GLU A 233 20.55 25.02 10.71
N GLY A 234 21.07 23.77 10.88
CA GLY A 234 21.42 23.24 12.18
C GLY A 234 22.55 24.11 12.67
N LYS A 235 23.40 24.47 11.72
CA LYS A 235 24.60 25.15 11.96
C LYS A 235 24.18 26.54 12.41
N LYS A 236 23.33 27.19 11.57
CA LYS A 236 22.84 28.53 11.85
C LYS A 236 22.16 28.62 13.21
N VAL A 237 21.33 27.62 13.52
CA VAL A 237 20.69 27.62 14.82
C VAL A 237 21.68 27.50 15.96
N ALA A 238 22.64 26.55 15.80
CA ALA A 238 23.74 26.32 16.71
C ALA A 238 24.37 27.60 17.11
N LEU A 239 24.67 28.50 16.19
CA LEU A 239 25.28 29.77 16.71
C LEU A 239 24.28 30.67 17.33
N TRP A 240 23.05 30.65 16.78
CA TRP A 240 22.13 31.67 17.08
C TRP A 240 21.84 31.37 18.54
N ALA A 241 21.76 30.10 18.90
CA ALA A 241 21.47 29.88 20.28
C ALA A 241 22.67 30.25 21.13
N GLN A 242 23.87 30.03 20.59
CA GLN A 242 25.03 30.24 21.42
C GLN A 242 25.20 31.72 21.63
N THR A 243 25.14 32.43 20.54
CA THR A 243 25.10 33.85 20.63
C THR A 243 24.13 34.41 21.69
N LEU A 244 22.94 33.82 21.83
CA LEU A 244 21.90 34.29 22.78
C LEU A 244 22.16 33.97 24.20
N GLY A 245 22.96 32.94 24.39
CA GLY A 245 23.13 32.29 25.73
C GLY A 245 22.07 31.27 26.14
N TRP A 246 21.31 30.72 25.23
CA TRP A 246 20.21 29.88 25.73
C TRP A 246 20.57 28.45 25.49
N PRO A 247 20.19 27.54 26.41
CA PRO A 247 20.59 26.15 26.16
C PRO A 247 19.91 25.69 24.91
N LEU A 248 20.57 24.76 24.21
CA LEU A 248 19.97 24.25 23.01
C LEU A 248 19.83 22.78 23.15
N ILE A 249 18.58 22.34 23.16
CA ILE A 249 18.33 20.96 23.03
C ILE A 249 18.11 20.71 21.57
N GLY A 250 18.90 19.78 21.02
CA GLY A 250 18.89 19.45 19.58
C GLY A 250 18.75 17.96 19.33
N ASP A 251 17.98 17.63 18.30
CA ASP A 251 17.34 16.32 18.23
C ASP A 251 18.16 15.67 17.18
N VAL A 252 18.07 14.32 17.08
CA VAL A 252 18.88 13.63 16.07
C VAL A 252 18.68 14.30 14.71
N LEU A 253 17.44 14.74 14.43
CA LEU A 253 17.05 15.26 13.14
C LEU A 253 17.54 16.65 12.93
N SER A 254 18.21 17.21 13.93
CA SER A 254 18.52 18.63 13.79
C SER A 254 19.77 18.96 13.03
N GLN A 255 20.81 18.13 13.11
CA GLN A 255 22.12 18.51 12.58
C GLN A 255 22.71 19.78 13.26
N THR A 256 22.40 20.00 14.55
CA THR A 256 22.96 21.14 15.27
C THR A 256 24.37 20.94 15.88
N GLY A 257 24.83 19.67 16.05
CA GLY A 257 26.12 19.36 16.65
C GLY A 257 25.77 18.95 18.04
N GLN A 258 24.62 19.31 18.49
CA GLN A 258 24.16 18.81 19.75
C GLN A 258 25.04 19.27 20.92
N PRO A 259 25.29 20.59 20.97
CA PRO A 259 26.20 21.07 22.04
C PRO A 259 25.73 20.74 23.46
N LEU A 260 24.48 20.32 23.73
CA LEU A 260 24.24 19.54 24.98
C LEU A 260 23.72 18.15 24.72
N PRO A 261 24.63 17.21 24.43
CA PRO A 261 24.33 15.79 24.06
C PRO A 261 23.45 15.09 25.09
N CYS A 262 22.78 13.99 24.70
CA CYS A 262 22.11 13.09 25.66
C CYS A 262 21.02 13.76 26.48
N ALA A 263 20.21 14.63 25.83
CA ALA A 263 19.11 15.27 26.55
C ALA A 263 18.09 14.28 26.96
N ASP A 264 18.04 13.08 26.38
CA ASP A 264 16.99 12.15 26.74
C ASP A 264 17.37 11.61 28.13
N LEU A 265 18.68 11.69 28.42
CA LEU A 265 19.14 11.32 29.78
C LEU A 265 19.02 12.53 30.71
N TRP A 266 19.66 13.63 30.32
CA TRP A 266 19.76 14.68 31.26
C TRP A 266 18.44 15.42 31.55
N LEU A 267 17.39 15.30 30.70
CA LEU A 267 16.16 16.02 31.05
C LEU A 267 15.45 15.31 32.18
N GLY A 268 16.08 14.29 32.75
CA GLY A 268 15.43 13.45 33.77
C GLY A 268 15.92 13.82 35.18
N ASN A 269 16.85 14.76 35.25
CA ASN A 269 17.45 15.17 36.45
C ASN A 269 16.76 16.39 36.91
N ALA A 270 16.28 16.32 38.13
CA ALA A 270 15.50 17.41 38.69
C ALA A 270 16.26 18.79 38.73
N LYS A 271 17.58 18.73 38.89
CA LYS A 271 18.44 19.93 38.87
C LYS A 271 18.22 20.53 37.47
N ALA A 272 18.27 19.68 36.45
CA ALA A 272 17.94 20.15 35.10
C ALA A 272 16.53 20.66 34.95
N THR A 273 15.49 19.88 35.27
CA THR A 273 14.14 20.38 34.97
C THR A 273 13.91 21.67 35.74
N SER A 274 14.46 21.77 36.93
CA SER A 274 14.26 22.96 37.76
C SER A 274 15.08 24.24 37.31
N GLU A 275 16.08 24.06 36.48
CA GLU A 275 16.66 25.20 35.79
C GLU A 275 15.69 25.64 34.68
N LEU A 276 14.96 24.72 34.08
CA LEU A 276 14.07 25.03 32.94
C LEU A 276 12.73 25.69 33.27
N GLN A 277 12.29 25.50 34.51
CA GLN A 277 11.05 26.08 35.00
C GLN A 277 11.29 27.52 35.05
N GLN A 278 12.55 27.88 35.02
CA GLN A 278 12.80 29.28 35.18
C GLN A 278 12.69 29.95 33.77
N ALA A 279 12.62 29.15 32.69
CA ALA A 279 12.55 29.66 31.30
C ALA A 279 11.30 30.47 31.06
N GLN A 280 11.44 31.62 30.39
CA GLN A 280 10.28 32.45 30.09
C GLN A 280 9.65 32.27 28.70
N ILE A 281 10.49 31.88 27.73
CA ILE A 281 10.16 31.72 26.32
C ILE A 281 10.79 30.41 25.76
N VAL A 282 10.14 29.73 24.86
CA VAL A 282 10.79 28.58 24.24
C VAL A 282 10.68 28.75 22.73
N VAL A 283 11.77 28.96 22.02
CA VAL A 283 11.66 28.96 20.59
C VAL A 283 11.98 27.53 20.16
N GLN A 284 11.06 26.83 19.51
CA GLN A 284 11.41 25.58 18.87
C GLN A 284 11.46 25.76 17.32
N LEU A 285 12.57 25.41 16.72
CA LEU A 285 12.68 25.59 15.32
C LEU A 285 12.59 24.21 14.69
N GLY A 286 11.79 24.04 13.62
CA GLY A 286 11.43 22.69 13.14
C GLY A 286 10.64 21.85 14.14
N SER A 287 10.34 20.62 13.75
CA SER A 287 9.44 19.88 14.54
C SER A 287 9.69 18.41 14.42
N SER A 288 8.66 17.61 14.72
CA SER A 288 8.89 16.16 14.86
C SER A 288 10.01 15.78 15.83
N LEU A 289 9.95 16.29 17.11
CA LEU A 289 10.96 15.88 18.07
C LEU A 289 10.98 14.37 18.29
N THR A 290 12.18 13.78 18.47
CA THR A 290 12.42 12.33 18.70
C THR A 290 12.36 11.75 20.16
N GLY A 291 12.97 12.37 21.16
CA GLY A 291 13.01 11.80 22.51
C GLY A 291 11.75 11.77 23.34
N LYS A 292 11.47 10.57 23.91
CA LYS A 292 10.56 10.39 25.08
C LYS A 292 10.73 11.54 26.13
N ARG A 293 11.95 11.83 26.59
CA ARG A 293 12.09 12.84 27.68
C ARG A 293 11.82 14.21 27.15
N LEU A 294 12.34 14.52 25.96
CA LEU A 294 12.07 15.81 25.38
C LEU A 294 10.61 15.99 25.04
N LEU A 295 9.94 14.99 24.46
CA LEU A 295 8.50 15.07 24.31
C LEU A 295 7.74 15.36 25.57
N GLN A 296 8.07 14.62 26.63
CA GLN A 296 7.47 14.80 27.97
C GLN A 296 7.74 16.14 28.54
N TRP A 297 8.99 16.61 28.46
CA TRP A 297 9.34 17.89 29.06
C TRP A 297 8.55 18.97 28.40
N GLN A 298 8.54 18.88 27.08
CA GLN A 298 7.80 19.82 26.28
C GLN A 298 6.36 19.82 26.59
N ALA A 299 5.75 18.62 26.77
CA ALA A 299 4.34 18.59 27.16
C ALA A 299 4.04 19.34 28.48
N SER A 300 5.05 19.46 29.33
CA SER A 300 4.74 19.85 30.67
C SER A 300 5.28 21.30 30.98
N CYS A 301 6.25 21.80 30.19
CA CYS A 301 6.90 23.09 30.47
C CYS A 301 5.88 24.19 30.46
N GLU A 302 6.09 25.26 31.22
CA GLU A 302 5.01 26.20 31.54
C GLU A 302 5.08 27.59 30.87
N PRO A 303 6.05 27.80 29.97
CA PRO A 303 6.62 29.11 29.78
C PRO A 303 5.56 30.23 29.49
N GLU A 304 5.91 31.49 29.74
CA GLU A 304 5.04 32.62 29.49
C GLU A 304 4.60 32.46 28.00
N GLU A 305 5.50 32.01 27.10
CA GLU A 305 5.19 31.98 25.61
C GLU A 305 5.88 30.76 24.85
N TYR A 306 5.12 30.01 24.02
CA TYR A 306 5.73 28.90 23.24
C TYR A 306 5.81 29.18 21.73
N TRP A 307 6.97 29.16 21.11
CA TRP A 307 7.01 29.39 19.70
C TRP A 307 7.48 28.18 18.93
N ILE A 308 6.75 27.84 17.87
CA ILE A 308 7.26 26.88 16.85
C ILE A 308 7.54 27.47 15.41
N VAL A 309 8.81 27.72 15.07
CA VAL A 309 9.10 28.25 13.69
C VAL A 309 9.34 27.08 12.75
N ASP A 310 8.67 27.07 11.60
CA ASP A 310 8.91 26.07 10.56
C ASP A 310 8.20 26.43 9.26
N ASP A 311 8.77 26.14 8.07
CA ASP A 311 8.00 26.40 6.81
C ASP A 311 6.87 25.38 6.57
N ILE A 312 6.37 24.65 7.56
CA ILE A 312 5.19 23.84 7.26
C ILE A 312 4.00 24.46 7.84
N GLU A 313 2.80 24.08 7.40
CA GLU A 313 1.63 24.79 7.95
C GLU A 313 1.11 23.98 9.05
N GLY A 314 0.42 24.68 9.93
CA GLY A 314 -0.49 24.10 10.87
C GLY A 314 -0.04 24.06 12.31
N ARG A 315 -0.88 23.56 13.17
CA ARG A 315 -0.49 23.44 14.51
C ARG A 315 0.60 22.42 14.53
N LEU A 316 1.69 22.65 15.28
CA LEU A 316 2.71 21.60 15.47
C LEU A 316 2.96 21.29 16.91
N ASP A 317 2.12 21.77 17.79
CA ASP A 317 2.48 21.63 19.19
C ASP A 317 1.46 20.77 19.81
N PRO A 318 1.74 19.51 19.96
CA PRO A 318 0.67 18.64 20.51
C PRO A 318 0.23 18.88 21.98
N ALA A 319 0.92 19.71 22.77
CA ALA A 319 0.36 20.07 24.06
C ALA A 319 -0.34 21.38 24.05
N HIS A 320 -0.36 22.05 22.91
CA HIS A 320 -1.26 23.23 22.75
C HIS A 320 -0.88 24.38 23.71
N HIS A 321 0.39 24.64 23.92
CA HIS A 321 0.79 25.87 24.57
C HIS A 321 0.17 27.15 23.98
N ARG A 322 -0.30 28.01 24.87
CA ARG A 322 -0.34 29.42 24.59
C ARG A 322 1.00 29.86 23.97
N GLY A 323 1.04 30.59 22.85
CA GLY A 323 2.34 30.97 22.16
C GLY A 323 2.06 31.25 20.65
N ARG A 324 3.00 31.04 19.74
CA ARG A 324 2.81 31.42 18.35
C ARG A 324 3.22 30.26 17.41
N ARG A 325 2.66 30.22 16.21
CA ARG A 325 3.10 29.22 15.26
C ARG A 325 3.57 30.05 14.07
N LEU A 326 4.86 30.06 13.76
CA LEU A 326 5.39 31.04 12.78
C LEU A 326 5.84 30.29 11.60
N ILE A 327 5.33 30.68 10.43
CA ILE A 327 5.55 29.89 9.22
C ILE A 327 6.66 30.58 8.45
N ALA A 328 7.81 29.94 8.36
CA ALA A 328 8.90 30.62 7.72
C ALA A 328 9.99 29.61 7.47
N ASN A 329 10.69 29.79 6.35
CA ASN A 329 12.04 29.38 6.25
C ASN A 329 12.82 29.64 7.53
N ILE A 330 13.39 28.57 8.05
CA ILE A 330 14.12 28.72 9.29
C ILE A 330 15.33 29.64 9.15
N ALA A 331 16.14 29.42 8.13
CA ALA A 331 17.28 30.27 7.95
C ALA A 331 16.88 31.71 7.80
N ASP A 332 15.90 31.99 6.89
CA ASP A 332 15.40 33.39 6.74
C ASP A 332 14.95 33.87 8.03
N TRP A 333 14.27 33.04 8.79
CA TRP A 333 13.75 33.49 10.05
C TRP A 333 14.78 33.98 10.95
N LEU A 334 15.87 33.26 11.02
CA LEU A 334 16.88 33.62 11.99
C LEU A 334 17.50 34.96 11.61
N GLU A 335 17.70 35.24 10.31
CA GLU A 335 18.15 36.58 9.86
C GLU A 335 17.22 37.72 10.24
N LEU A 336 15.94 37.41 10.20
CA LEU A 336 14.89 38.37 10.55
C LEU A 336 14.79 38.64 12.07
N HIS A 337 15.32 37.76 12.91
CA HIS A 337 15.12 37.79 14.36
C HIS A 337 16.50 37.46 14.83
N PRO A 338 17.40 38.42 14.68
CA PRO A 338 18.84 38.09 14.80
C PRO A 338 19.27 38.02 16.24
N ALA A 339 20.26 37.19 16.56
CA ALA A 339 20.79 37.14 17.94
C ALA A 339 21.87 38.22 18.33
N GLU A 340 21.96 38.43 19.61
CA GLU A 340 22.91 39.35 20.15
C GLU A 340 23.56 38.73 21.35
N LYS A 341 24.89 38.73 21.44
CA LYS A 341 25.61 38.27 22.64
C LYS A 341 25.06 38.62 24.02
N ARG A 342 24.69 37.59 24.80
CA ARG A 342 24.24 37.69 26.24
C ARG A 342 24.80 36.48 27.02
N GLN A 343 25.19 36.62 28.27
CA GLN A 343 26.02 35.56 28.75
C GLN A 343 25.11 34.41 29.17
N PRO A 344 25.50 33.14 29.01
CA PRO A 344 24.47 32.15 29.29
C PRO A 344 23.81 32.18 30.70
N TRP A 345 22.48 32.15 30.76
CA TRP A 345 21.83 32.02 32.05
C TRP A 345 21.77 30.58 32.70
N CYS A 346 22.14 29.52 32.04
CA CYS A 346 21.95 28.21 32.59
C CYS A 346 23.26 27.74 33.09
N VAL A 347 23.34 27.16 34.28
CA VAL A 347 24.66 26.80 34.72
C VAL A 347 24.80 25.41 35.03
N GLU A 348 23.73 24.78 35.39
CA GLU A 348 23.87 23.38 35.61
C GLU A 348 23.73 22.51 34.42
N ILE A 349 22.72 22.77 33.57
CA ILE A 349 22.54 22.00 32.34
C ILE A 349 23.84 21.69 31.67
N PRO A 350 24.73 22.67 31.48
CA PRO A 350 26.01 22.32 30.76
C PRO A 350 26.92 21.27 31.46
N ARG A 351 27.02 21.33 32.79
CA ARG A 351 27.65 20.25 33.53
C ARG A 351 26.93 18.88 33.31
N LEU A 352 25.65 18.78 33.70
CA LEU A 352 24.86 17.53 33.57
C LEU A 352 25.10 16.78 32.25
N ALA A 353 25.18 17.56 31.15
CA ALA A 353 25.27 17.03 29.79
C ALA A 353 26.61 16.40 29.59
N GLU A 354 27.68 17.18 29.81
CA GLU A 354 29.02 16.64 29.92
C GLU A 354 29.03 15.32 30.76
N GLN A 355 28.61 15.41 32.01
CA GLN A 355 28.60 14.21 32.79
C GLN A 355 27.74 13.12 32.14
N ALA A 356 26.64 13.45 31.53
CA ALA A 356 25.83 12.37 31.05
C ALA A 356 26.47 11.73 29.88
N MET A 357 27.39 12.40 29.20
CA MET A 357 28.07 11.80 28.07
C MET A 357 29.22 10.91 28.55
N GLN A 358 29.92 11.36 29.61
CA GLN A 358 30.89 10.50 30.30
C GLN A 358 30.18 9.17 30.68
N ALA A 359 28.97 9.24 31.18
CA ALA A 359 28.29 8.04 31.55
C ALA A 359 28.00 7.15 30.38
N VAL A 360 27.70 7.73 29.20
CA VAL A 360 27.47 6.87 28.01
C VAL A 360 28.76 6.23 27.51
N ILE A 361 29.85 7.01 27.38
CA ILE A 361 31.21 6.52 27.10
C ILE A 361 31.51 5.29 27.96
N ALA A 362 31.29 5.40 29.26
CA ALA A 362 31.77 4.35 30.16
C ALA A 362 31.16 2.98 29.76
N ARG A 363 30.30 2.98 28.75
CA ARG A 363 29.41 1.85 28.46
C ARG A 363 29.39 1.47 27.01
N ARG A 364 30.47 1.88 26.32
CA ARG A 364 30.58 1.71 24.91
C ARG A 364 31.01 0.31 24.46
N ASP A 365 31.51 -0.55 25.37
CA ASP A 365 32.33 -1.74 24.91
C ASP A 365 31.40 -2.88 24.41
N ALA A 366 30.33 -3.15 25.15
CA ALA A 366 29.40 -4.30 24.88
C ALA A 366 28.82 -4.26 23.41
N PHE A 367 28.58 -5.40 22.76
CA PHE A 367 28.32 -5.30 21.32
C PHE A 367 26.90 -5.50 21.22
N GLY A 368 26.12 -4.43 21.41
CA GLY A 368 24.65 -4.43 21.22
C GLY A 368 24.15 -3.16 20.58
N GLU A 369 22.86 -2.95 20.71
CA GLU A 369 22.20 -1.89 19.90
C GLU A 369 22.43 -0.46 20.35
N ALA A 370 22.56 -0.27 21.66
CA ALA A 370 22.91 1.01 22.23
C ALA A 370 24.37 1.44 21.92
N GLN A 371 25.27 0.50 21.77
CA GLN A 371 26.64 0.88 21.68
C GLN A 371 26.77 1.16 20.26
N LEU A 372 25.98 0.52 19.43
CA LEU A 372 26.15 0.81 18.02
C LEU A 372 25.65 2.15 17.75
N ALA A 373 24.65 2.53 18.54
CA ALA A 373 24.02 3.75 18.31
C ALA A 373 24.92 4.82 18.83
N HIS A 374 25.58 4.55 19.97
CA HIS A 374 26.50 5.52 20.59
C HIS A 374 27.64 5.76 19.63
N ARG A 375 28.24 4.67 19.09
CA ARG A 375 29.45 4.75 18.17
C ARG A 375 29.16 5.22 16.73
N ILE A 376 27.99 5.77 16.50
CA ILE A 376 27.62 5.85 15.14
C ILE A 376 28.31 6.98 14.34
N CYS A 377 28.82 8.07 14.95
CA CYS A 377 29.71 8.97 14.14
C CYS A 377 30.93 8.23 13.65
N ASP A 378 31.44 7.26 14.40
CA ASP A 378 32.52 6.42 13.85
C ASP A 378 32.30 5.88 12.47
N TYR A 379 31.04 5.60 12.13
CA TYR A 379 30.72 4.83 10.93
C TYR A 379 30.11 5.67 9.75
N LEU A 380 29.80 6.95 9.96
CA LEU A 380 29.37 7.89 8.88
C LEU A 380 30.32 8.00 7.62
N PRO A 381 29.81 7.89 6.37
CA PRO A 381 30.72 8.08 5.25
C PRO A 381 31.15 9.46 5.22
N GLU A 382 32.41 9.74 4.85
CA GLU A 382 33.00 11.11 4.87
C GLU A 382 32.27 11.77 3.75
N GLN A 383 31.70 12.95 3.98
CA GLN A 383 30.92 13.66 2.90
C GLN A 383 29.63 12.93 2.58
N GLY A 384 29.14 12.11 3.52
CA GLY A 384 28.01 11.22 3.32
C GLY A 384 26.64 11.77 3.70
N GLN A 385 25.66 10.90 3.89
CA GLN A 385 24.50 11.31 4.60
C GLN A 385 23.88 10.17 5.39
N LEU A 386 23.08 10.51 6.41
CA LEU A 386 22.45 9.45 7.17
C LEU A 386 21.00 9.41 6.94
N PHE A 387 20.48 8.19 6.89
CA PHE A 387 19.07 8.09 6.88
C PHE A 387 18.67 7.08 7.91
N VAL A 388 17.55 7.35 8.54
CA VAL A 388 17.25 6.90 9.87
C VAL A 388 15.79 6.50 9.87
N GLY A 389 15.57 5.22 10.20
CA GLY A 389 14.26 4.61 10.09
C GLY A 389 13.52 4.90 11.40
N ASN A 390 12.39 4.26 11.65
CA ASN A 390 11.64 4.56 12.84
C ASN A 390 11.54 3.40 13.84
N SER A 391 12.51 3.32 14.71
CA SER A 391 12.84 2.06 15.31
C SER A 391 13.66 2.41 16.56
N LEU A 392 13.68 1.57 17.58
CA LEU A 392 14.36 1.95 18.82
C LEU A 392 15.78 2.51 18.55
N VAL A 393 16.47 1.92 17.60
CA VAL A 393 17.81 2.35 17.40
C VAL A 393 17.91 3.85 17.05
N VAL A 394 16.95 4.41 16.35
CA VAL A 394 16.94 5.83 16.28
C VAL A 394 16.67 6.61 17.58
N ARG A 395 15.75 6.17 18.43
CA ARG A 395 15.71 6.85 19.78
C ARG A 395 17.11 6.72 20.49
N LEU A 396 17.71 5.51 20.46
CA LEU A 396 19.02 5.28 20.97
C LEU A 396 20.12 6.21 20.42
N ILE A 397 20.18 6.41 19.10
CA ILE A 397 21.12 7.37 18.48
C ILE A 397 20.87 8.73 19.05
N ASP A 398 19.61 9.17 19.09
CA ASP A 398 19.29 10.46 19.65
C ASP A 398 19.71 10.56 21.11
N ALA A 399 19.70 9.47 21.89
CA ALA A 399 19.81 9.63 23.35
C ALA A 399 21.30 9.66 23.64
N LEU A 400 22.04 9.05 22.69
CA LEU A 400 23.34 8.58 23.08
C LEU A 400 24.45 9.00 22.17
N SER A 401 24.14 9.43 20.96
CA SER A 401 25.24 9.90 20.16
C SER A 401 25.23 11.38 20.09
N GLN A 402 26.32 11.93 19.66
CA GLN A 402 26.34 13.36 19.36
C GLN A 402 26.85 13.49 17.91
N LEU A 403 25.88 13.45 17.01
CA LEU A 403 26.07 13.65 15.62
C LEU A 403 26.61 15.01 15.20
N PRO A 404 27.54 15.01 14.30
CA PRO A 404 28.16 16.21 13.77
C PRO A 404 27.18 17.31 13.37
N ALA A 405 27.51 18.57 13.64
CA ALA A 405 26.87 19.76 13.03
C ALA A 405 26.95 19.67 11.56
N GLY A 406 25.87 19.99 10.87
CA GLY A 406 25.99 20.17 9.47
C GLY A 406 26.08 18.87 8.75
N TYR A 407 26.15 17.75 9.44
CA TYR A 407 26.15 16.50 8.68
C TYR A 407 24.75 15.93 8.33
N PRO A 408 24.46 15.76 7.02
CA PRO A 408 23.05 15.66 6.63
C PRO A 408 22.36 14.47 7.22
N VAL A 409 21.16 14.69 7.76
CA VAL A 409 20.30 13.57 8.13
C VAL A 409 18.94 13.55 7.50
N TYR A 410 18.46 12.36 7.16
CA TYR A 410 17.05 12.22 6.69
C TYR A 410 16.30 11.10 7.31
N SER A 411 15.00 11.22 7.24
CA SER A 411 14.03 10.31 7.92
C SER A 411 12.57 10.43 7.39
N ASN A 412 11.72 9.42 7.58
CA ASN A 412 10.32 9.54 7.32
C ASN A 412 9.66 9.68 8.69
N ARG A 413 9.75 10.86 9.28
CA ARG A 413 9.21 10.96 10.61
C ARG A 413 7.98 11.88 10.61
N GLY A 414 7.42 12.10 9.45
CA GLY A 414 6.05 12.63 9.46
C GLY A 414 5.07 11.72 10.19
N ALA A 415 4.71 10.59 9.56
CA ALA A 415 3.88 9.67 10.29
C ALA A 415 4.71 8.54 10.81
N SER A 416 6.01 8.58 10.58
CA SER A 416 6.87 7.47 10.97
C SER A 416 6.30 6.11 10.55
N GLY A 417 5.93 5.96 9.27
CA GLY A 417 5.44 4.67 8.77
C GLY A 417 6.69 3.79 8.74
N ILE A 418 6.55 2.46 8.75
CA ILE A 418 7.74 1.67 8.61
C ILE A 418 7.59 0.96 7.31
N ASP A 419 6.70 1.42 6.48
CA ASP A 419 6.44 0.65 5.24
C ASP A 419 7.24 0.94 4.03
N GLY A 420 8.00 2.02 4.06
CA GLY A 420 8.79 2.36 2.89
C GLY A 420 10.20 2.77 3.15
N LEU A 421 10.81 2.41 4.27
CA LEU A 421 12.16 2.86 4.45
C LEU A 421 13.18 2.38 3.42
N LEU A 422 13.07 1.26 2.73
CA LEU A 422 14.21 1.00 1.79
C LEU A 422 14.07 1.82 0.53
N SER A 423 12.82 1.96 0.13
CA SER A 423 12.64 2.73 -1.07
C SER A 423 12.95 4.15 -0.78
N THR A 424 12.67 4.60 0.41
CA THR A 424 12.91 5.99 0.59
C THR A 424 14.43 6.25 0.58
N ALA A 425 15.24 5.27 0.96
CA ALA A 425 16.62 5.64 1.19
C ALA A 425 17.24 5.62 -0.15
N ALA A 426 16.66 4.76 -0.98
CA ALA A 426 17.01 4.73 -2.40
C ALA A 426 16.88 6.13 -2.98
N GLY A 427 15.71 6.72 -2.79
CA GLY A 427 15.50 8.04 -3.40
C GLY A 427 16.46 8.98 -2.75
N VAL A 428 16.41 9.06 -1.42
CA VAL A 428 17.34 9.86 -0.67
C VAL A 428 18.77 9.81 -1.28
N GLN A 429 19.41 8.62 -1.42
CA GLN A 429 20.73 8.44 -2.11
C GLN A 429 20.69 8.87 -3.55
N ARG A 430 19.73 8.44 -4.34
CA ARG A 430 19.87 8.85 -5.71
C ARG A 430 19.87 10.35 -5.93
N ALA A 431 19.11 11.07 -5.12
CA ALA A 431 19.00 12.49 -5.25
C ALA A 431 20.28 13.29 -5.15
N SER A 432 21.14 12.92 -4.23
CA SER A 432 22.18 13.84 -3.84
C SER A 432 23.40 13.25 -4.51
N GLY A 433 23.28 11.96 -4.87
CA GLY A 433 24.49 11.26 -5.32
C GLY A 433 25.51 10.86 -4.25
N LYS A 434 25.16 10.78 -2.97
CA LYS A 434 26.23 10.68 -1.94
C LYS A 434 26.31 9.35 -1.31
N PRO A 435 27.48 9.06 -0.74
CA PRO A 435 27.60 7.84 0.07
C PRO A 435 26.56 7.92 1.21
N THR A 436 25.88 6.79 1.51
CA THR A 436 24.77 6.87 2.46
C THR A 436 24.81 5.74 3.44
N LEU A 437 24.64 6.09 4.72
CA LEU A 437 24.43 5.08 5.74
C LEU A 437 22.99 5.23 6.11
N ALA A 438 22.28 4.10 6.16
CA ALA A 438 20.90 4.07 6.46
C ALA A 438 20.69 3.00 7.47
N ILE A 439 20.01 3.31 8.60
CA ILE A 439 19.84 2.38 9.70
C ILE A 439 18.34 1.96 9.89
N VAL A 440 18.08 0.66 10.09
CA VAL A 440 16.68 0.24 9.96
C VAL A 440 16.51 -1.01 10.80
N GLY A 441 15.30 -1.37 11.20
CA GLY A 441 15.09 -2.64 11.90
C GLY A 441 14.65 -3.75 10.98
N ASP A 442 14.66 -4.97 11.48
CA ASP A 442 14.20 -6.07 10.66
C ASP A 442 12.76 -5.95 10.23
N LEU A 443 11.86 -5.35 10.98
CA LEU A 443 10.57 -5.40 10.38
C LEU A 443 10.48 -4.52 9.19
N SER A 444 11.16 -3.38 9.27
CA SER A 444 11.15 -2.41 8.17
C SER A 444 11.79 -3.03 6.94
N ALA A 445 12.89 -3.77 7.21
CA ALA A 445 13.54 -4.52 6.09
C ALA A 445 12.64 -5.57 5.55
N LEU A 446 11.99 -6.37 6.37
CA LEU A 446 11.04 -7.23 5.75
C LEU A 446 9.90 -6.48 5.11
N TYR A 447 9.40 -5.35 5.69
CA TYR A 447 8.15 -4.69 5.15
C TYR A 447 8.42 -4.37 3.67
N ASP A 448 9.60 -3.86 3.41
CA ASP A 448 9.89 -3.26 2.16
C ASP A 448 10.99 -4.06 1.42
N LEU A 449 10.98 -5.37 1.68
CA LEU A 449 11.95 -6.29 1.11
C LEU A 449 12.38 -6.02 -0.37
N ASN A 450 11.39 -5.88 -1.26
CA ASN A 450 11.72 -5.85 -2.71
C ASN A 450 12.26 -4.50 -3.11
N ALA A 451 12.37 -3.56 -2.21
CA ALA A 451 13.04 -2.36 -2.64
C ALA A 451 14.51 -2.70 -2.59
N LEU A 452 14.86 -3.91 -2.20
CA LEU A 452 16.24 -4.28 -2.41
C LEU A 452 16.52 -4.24 -3.96
N ALA A 453 15.59 -4.69 -4.77
CA ALA A 453 15.71 -4.45 -6.21
C ALA A 453 16.23 -3.00 -6.48
N LEU A 454 15.51 -1.98 -6.00
CA LEU A 454 16.08 -0.61 -6.00
C LEU A 454 17.52 -0.49 -5.56
N LEU A 455 17.87 -0.91 -4.35
CA LEU A 455 19.12 -0.50 -3.75
C LEU A 455 20.23 -1.18 -4.49
N ARG A 456 19.93 -2.07 -5.46
CA ARG A 456 20.98 -2.55 -6.40
C ARG A 456 21.64 -1.39 -7.13
N GLN A 457 20.81 -0.46 -7.58
CA GLN A 457 21.21 0.56 -8.48
C GLN A 457 21.51 1.82 -7.72
N VAL A 458 22.71 2.06 -7.23
CA VAL A 458 22.86 3.32 -6.50
C VAL A 458 24.05 4.03 -6.95
N SER A 459 24.04 5.35 -6.89
CA SER A 459 25.02 6.10 -7.64
C SER A 459 26.33 6.24 -6.87
N ALA A 460 26.29 5.81 -5.61
CA ALA A 460 27.42 5.85 -4.66
C ALA A 460 27.13 4.81 -3.57
N PRO A 461 28.16 4.31 -2.84
CA PRO A 461 27.88 3.22 -1.84
C PRO A 461 26.81 3.51 -0.82
N LEU A 462 25.97 2.51 -0.61
CA LEU A 462 24.97 2.67 0.39
C LEU A 462 25.12 1.52 1.38
N VAL A 463 25.11 1.81 2.66
CA VAL A 463 25.15 0.71 3.57
C VAL A 463 23.89 0.78 4.34
N LEU A 464 23.21 -0.32 4.28
CA LEU A 464 22.01 -0.52 5.00
C LEU A 464 22.33 -1.39 6.24
N ILE A 465 22.35 -0.79 7.44
CA ILE A 465 22.43 -1.59 8.64
C ILE A 465 21.06 -2.09 8.94
N VAL A 466 20.88 -3.39 9.13
CA VAL A 466 19.60 -3.94 9.54
C VAL A 466 19.77 -4.49 10.96
N VAL A 467 19.29 -3.75 11.98
CA VAL A 467 19.23 -4.25 13.34
C VAL A 467 18.07 -5.23 13.49
N ASN A 468 18.43 -6.43 13.79
CA ASN A 468 17.54 -7.53 13.73
C ASN A 468 17.50 -8.18 15.07
N ASN A 469 16.39 -8.10 15.74
CA ASN A 469 16.28 -8.65 17.07
C ASN A 469 15.19 -9.62 17.03
N ASN A 470 15.24 -10.46 16.04
CA ASN A 470 14.10 -10.76 15.24
C ASN A 470 12.73 -10.78 15.89
N GLY A 471 11.79 -10.07 15.29
CA GLY A 471 10.70 -9.45 15.97
C GLY A 471 10.58 -7.97 15.66
N TYR A 489 3.82 -26.89 10.77
CA TYR A 489 3.01 -25.92 10.09
C TYR A 489 3.15 -24.67 10.85
N LEU A 490 4.34 -24.11 10.96
CA LEU A 490 5.57 -24.78 11.35
C LEU A 490 5.96 -24.12 12.63
N MET A 491 7.07 -24.49 13.22
CA MET A 491 7.62 -23.66 14.26
C MET A 491 8.05 -22.30 13.72
N PRO A 492 7.94 -21.26 14.51
CA PRO A 492 8.22 -19.94 14.01
C PRO A 492 9.63 -19.80 13.58
N GLN A 493 10.06 -18.57 13.40
CA GLN A 493 10.28 -17.95 12.10
C GLN A 493 11.36 -16.90 12.26
N ASN A 494 12.57 -17.41 12.35
CA ASN A 494 13.65 -16.64 12.85
C ASN A 494 14.50 -16.18 11.71
N VAL A 495 14.22 -15.02 11.17
CA VAL A 495 14.52 -14.70 9.78
C VAL A 495 15.78 -13.90 9.66
N HIS A 496 16.53 -14.12 8.58
CA HIS A 496 17.70 -13.33 8.30
C HIS A 496 17.77 -12.76 6.93
N PHE A 497 18.83 -12.05 6.64
CA PHE A 497 18.86 -11.22 5.49
C PHE A 497 19.92 -11.59 4.49
N GLU A 498 20.61 -12.68 4.70
CA GLU A 498 21.55 -13.21 3.74
C GLU A 498 20.98 -13.62 2.36
N HIS A 499 19.98 -14.52 2.38
CA HIS A 499 19.44 -14.91 1.12
C HIS A 499 18.81 -13.66 0.48
N ALA A 500 18.35 -12.69 1.26
CA ALA A 500 17.78 -11.53 0.61
C ALA A 500 18.90 -10.81 -0.14
N ALA A 501 19.92 -10.35 0.55
CA ALA A 501 20.99 -9.69 -0.13
C ALA A 501 21.41 -10.47 -1.38
N ALA A 502 21.38 -11.82 -1.30
CA ALA A 502 21.89 -12.60 -2.41
C ALA A 502 20.88 -12.69 -3.51
N MET A 503 19.60 -12.56 -3.18
CA MET A 503 18.60 -12.66 -4.21
C MET A 503 18.82 -11.56 -5.19
N PHE A 504 19.28 -10.40 -4.66
CA PHE A 504 19.44 -9.12 -5.43
C PHE A 504 20.90 -8.74 -5.67
N GLU A 505 21.78 -9.74 -5.58
CA GLU A 505 23.16 -9.54 -5.83
C GLU A 505 23.81 -8.46 -4.97
N LEU A 506 23.59 -8.45 -3.65
CA LEU A 506 24.25 -7.47 -2.76
C LEU A 506 25.25 -8.09 -1.88
N LYS A 507 26.25 -7.37 -1.52
CA LYS A 507 27.11 -7.86 -0.42
C LYS A 507 26.31 -7.80 0.96
N TYR A 508 26.72 -8.69 1.87
CA TYR A 508 26.10 -9.02 3.12
C TYR A 508 27.19 -9.42 4.11
N HIS A 509 27.05 -9.01 5.35
CA HIS A 509 27.98 -9.30 6.40
C HIS A 509 27.18 -9.33 7.64
N ARG A 510 27.52 -10.22 8.56
CA ARG A 510 26.67 -10.29 9.71
C ARG A 510 27.76 -10.27 10.69
N PRO A 511 28.25 -9.07 11.01
CA PRO A 511 29.38 -9.00 11.95
C PRO A 511 28.97 -9.44 13.34
N GLN A 512 29.82 -10.28 13.94
CA GLN A 512 29.71 -10.85 15.30
C GLN A 512 30.35 -9.93 16.33
N ASN A 513 31.07 -8.89 15.92
CA ASN A 513 31.75 -8.01 16.88
C ASN A 513 32.43 -6.76 16.23
N TRP A 514 32.94 -5.83 17.01
CA TRP A 514 33.37 -4.60 16.43
C TRP A 514 34.40 -4.78 15.34
N GLN A 515 35.50 -5.55 15.55
CA GLN A 515 36.45 -5.77 14.40
C GLN A 515 35.62 -6.09 13.11
N GLU A 516 34.66 -7.02 13.21
CA GLU A 516 33.91 -7.49 12.03
C GLU A 516 33.05 -6.40 11.49
N LEU A 517 32.56 -5.54 12.35
CA LEU A 517 31.80 -4.40 11.90
C LEU A 517 32.69 -3.37 11.17
N GLU A 518 33.75 -2.87 11.80
CA GLU A 518 34.78 -2.12 11.05
C GLU A 518 35.25 -2.73 9.71
N THR A 519 35.46 -4.04 9.66
CA THR A 519 35.84 -4.65 8.37
C THR A 519 34.69 -4.53 7.36
N ALA A 520 33.48 -4.81 7.81
CA ALA A 520 32.39 -4.88 6.88
C ALA A 520 32.12 -3.46 6.36
N PHE A 521 32.50 -2.46 7.13
CA PHE A 521 32.32 -1.11 6.62
C PHE A 521 33.38 -0.79 5.50
N ALA A 522 34.66 -1.07 5.83
CA ALA A 522 35.80 -0.96 4.94
C ALA A 522 35.38 -1.58 3.62
N ASP A 523 34.98 -2.86 3.63
CA ASP A 523 34.52 -3.52 2.41
C ASP A 523 33.47 -2.58 1.86
N ALA A 524 32.41 -2.27 2.58
CA ALA A 524 31.29 -1.65 1.92
C ALA A 524 31.51 -0.28 1.35
N TRP A 525 32.45 0.53 1.85
CA TRP A 525 32.61 1.87 1.25
C TRP A 525 33.34 1.82 -0.07
N ARG A 526 33.87 0.64 -0.38
CA ARG A 526 34.69 0.47 -1.57
C ARG A 526 33.99 0.61 -2.98
N THR A 527 32.73 0.14 -3.23
CA THR A 527 32.11 0.37 -4.59
C THR A 527 30.70 0.99 -4.65
N PRO A 528 30.26 1.56 -5.80
CA PRO A 528 28.84 2.06 -5.68
C PRO A 528 27.82 0.94 -5.85
N THR A 529 27.69 0.13 -4.78
CA THR A 529 26.52 -0.71 -4.56
C THR A 529 26.12 -0.63 -3.08
N THR A 530 25.09 -1.42 -2.73
CA THR A 530 24.40 -1.38 -1.42
C THR A 530 24.92 -2.61 -0.86
N THR A 531 25.07 -2.66 0.47
CA THR A 531 25.76 -3.78 1.13
C THR A 531 24.96 -4.00 2.31
N VAL A 532 24.51 -5.18 2.60
CA VAL A 532 23.69 -5.26 3.76
C VAL A 532 24.50 -5.65 4.97
N ILE A 533 24.46 -4.89 6.07
CA ILE A 533 25.15 -5.34 7.28
C ILE A 533 24.15 -5.71 8.33
N GLU A 534 24.09 -6.97 8.74
CA GLU A 534 23.01 -7.37 9.68
C GLU A 534 23.56 -7.51 11.06
N MET A 535 23.06 -6.74 12.03
CA MET A 535 23.55 -6.82 13.42
C MET A 535 22.46 -7.44 14.17
N VAL A 536 22.62 -8.64 14.70
CA VAL A 536 21.59 -9.30 15.44
C VAL A 536 21.73 -9.01 16.92
N VAL A 537 20.64 -8.62 17.58
CA VAL A 537 20.61 -8.18 18.97
C VAL A 537 19.31 -8.73 19.69
N ASN A 538 19.14 -8.60 21.03
CA ASN A 538 17.94 -9.05 21.83
C ASN A 538 16.81 -8.09 21.83
N ASP A 539 15.65 -8.44 22.39
CA ASP A 539 14.61 -7.41 22.40
C ASP A 539 14.80 -6.39 23.52
N THR A 540 15.50 -6.78 24.58
CA THR A 540 15.67 -5.93 25.78
C THR A 540 16.96 -5.16 26.03
N ASP A 541 18.12 -5.65 25.59
CA ASP A 541 19.40 -4.98 25.95
C ASP A 541 19.41 -3.51 25.64
N GLY A 542 18.82 -3.18 24.49
CA GLY A 542 18.76 -1.83 24.00
C GLY A 542 17.93 -1.02 24.94
N ALA A 543 16.63 -1.30 25.04
CA ALA A 543 15.82 -0.43 25.93
C ALA A 543 16.47 -0.39 27.33
N GLN A 544 17.17 -1.43 27.71
CA GLN A 544 17.59 -1.40 29.07
C GLN A 544 18.76 -0.54 29.41
N THR A 545 19.78 -0.63 28.55
CA THR A 545 20.90 0.20 28.71
C THR A 545 20.38 1.67 28.78
N LEU A 546 19.32 1.99 28.05
CA LEU A 546 18.85 3.33 28.08
C LEU A 546 18.24 3.70 29.43
N GLN A 547 17.42 2.79 29.99
CA GLN A 547 16.75 3.00 31.24
C GLN A 547 17.81 3.15 32.34
N GLN A 548 18.90 2.37 32.23
CA GLN A 548 19.95 2.36 33.27
C GLN A 548 20.64 3.70 33.15
N LEU A 549 21.04 4.05 31.93
CA LEU A 549 21.69 5.33 31.81
C LEU A 549 20.72 6.42 32.34
N LEU A 550 19.46 6.35 31.99
CA LEU A 550 18.57 7.38 32.35
C LEU A 550 18.63 7.41 33.83
N ALA A 551 18.56 6.27 34.53
CA ALA A 551 18.48 6.34 36.07
C ALA A 551 19.77 6.85 36.67
N GLN A 552 20.89 6.54 36.05
CA GLN A 552 22.20 7.02 36.52
C GLN A 552 22.30 8.53 36.38
N VAL A 553 22.11 9.03 35.20
CA VAL A 553 22.06 10.41 34.98
C VAL A 553 21.06 11.14 35.91
N SER A 554 19.96 10.54 36.28
CA SER A 554 18.99 11.40 36.91
C SER A 554 19.44 11.64 38.31
N HIS A 555 20.17 10.69 38.92
CA HIS A 555 20.75 10.83 40.29
C HIS A 555 21.91 11.73 40.41
N LEU A 556 22.65 11.96 39.32
CA LEU A 556 23.90 12.73 39.52
C LEU A 556 23.80 14.25 39.71
N MET B 1 -13.40 7.04 36.94
CA MET B 1 -11.98 7.50 36.65
C MET B 1 -11.12 6.61 35.66
N SER B 2 -10.56 5.45 36.06
CA SER B 2 -9.63 4.71 35.09
C SER B 2 -10.13 4.81 33.60
N VAL B 3 -9.37 5.50 32.77
CA VAL B 3 -9.81 5.71 31.36
C VAL B 3 -9.46 4.38 30.63
N SER B 4 -8.29 3.89 30.98
CA SER B 4 -7.78 2.71 30.38
C SER B 4 -8.70 1.47 30.52
N ALA B 5 -9.22 1.23 31.72
CA ALA B 5 -9.99 0.02 31.87
C ALA B 5 -11.29 0.03 31.08
N PHE B 6 -11.83 1.23 30.85
CA PHE B 6 -13.02 1.46 30.06
C PHE B 6 -12.69 1.47 28.55
N ASN B 7 -11.51 1.92 28.14
CA ASN B 7 -11.27 1.91 26.71
C ASN B 7 -11.15 0.43 26.27
N ARG B 8 -10.70 -0.41 27.18
CA ARG B 8 -10.83 -1.86 27.11
C ARG B 8 -12.20 -2.44 26.85
N ARG B 9 -13.22 -1.92 27.50
CA ARG B 9 -14.54 -2.48 27.44
C ARG B 9 -15.23 -1.89 26.27
N TRP B 10 -14.88 -0.68 25.90
CA TRP B 10 -15.38 -0.10 24.64
C TRP B 10 -14.91 -0.97 23.48
N ALA B 11 -13.62 -1.30 23.46
CA ALA B 11 -13.10 -2.23 22.43
C ALA B 11 -13.75 -3.62 22.50
N ALA B 12 -13.93 -4.16 23.72
CA ALA B 12 -14.51 -5.48 23.91
C ALA B 12 -15.88 -5.60 23.27
N VAL B 13 -16.64 -4.54 23.39
CA VAL B 13 -17.96 -4.50 22.87
C VAL B 13 -18.00 -4.41 21.32
N ILE B 14 -17.17 -3.54 20.76
CA ILE B 14 -17.15 -3.40 19.32
C ILE B 14 -16.92 -4.83 18.83
N LEU B 15 -15.96 -5.57 19.42
CA LEU B 15 -15.59 -6.88 18.87
C LEU B 15 -16.65 -7.89 19.05
N GLU B 16 -17.19 -7.90 20.23
CA GLU B 16 -18.23 -8.87 20.46
C GLU B 16 -19.38 -8.61 19.52
N ALA B 17 -19.72 -7.35 19.22
CA ALA B 17 -20.82 -7.02 18.33
C ALA B 17 -20.61 -7.81 16.99
N LEU B 18 -19.38 -7.71 16.48
CA LEU B 18 -19.00 -8.38 15.25
C LEU B 18 -19.27 -9.86 15.27
N THR B 19 -18.81 -10.50 16.32
CA THR B 19 -19.11 -11.94 16.56
C THR B 19 -20.56 -12.32 16.22
N ARG B 20 -21.51 -11.43 16.46
CA ARG B 20 -22.87 -11.77 16.22
C ARG B 20 -23.24 -11.76 14.76
N HIS B 21 -22.28 -11.52 13.87
CA HIS B 21 -22.62 -11.38 12.44
C HIS B 21 -21.79 -12.26 11.51
N GLY B 22 -21.10 -13.30 12.03
CA GLY B 22 -20.43 -14.30 11.19
C GLY B 22 -18.92 -14.19 11.27
N VAL B 23 -18.39 -13.16 11.98
CA VAL B 23 -16.97 -12.89 11.91
C VAL B 23 -16.27 -13.86 12.77
N ARG B 24 -15.37 -14.63 12.21
CA ARG B 24 -14.51 -15.50 12.97
C ARG B 24 -13.07 -15.22 12.73
N HIS B 25 -12.73 -14.91 11.51
CA HIS B 25 -11.34 -14.62 11.18
C HIS B 25 -10.98 -13.15 11.42
N ILE B 26 -9.92 -12.93 12.15
CA ILE B 26 -9.42 -11.60 12.34
C ILE B 26 -7.93 -11.62 12.08
N CYS B 27 -7.52 -10.68 11.26
CA CYS B 27 -6.16 -10.57 10.80
C CYS B 27 -5.61 -9.29 11.37
N ILE B 28 -4.40 -9.36 11.86
CA ILE B 28 -3.98 -8.39 12.81
C ILE B 28 -2.55 -8.18 12.46
N ALA B 29 -2.01 -7.04 12.87
CA ALA B 29 -0.56 -6.81 12.76
C ALA B 29 0.03 -6.33 14.12
N PRO B 30 1.27 -6.78 14.54
CA PRO B 30 2.07 -5.85 15.51
C PRO B 30 1.95 -4.20 15.45
N GLY B 31 1.57 -3.63 16.61
CA GLY B 31 1.16 -2.23 16.71
C GLY B 31 1.14 -1.60 18.10
N SER B 32 1.80 -0.44 18.15
CA SER B 32 1.75 0.54 19.27
C SER B 32 0.32 0.92 19.82
N ARG B 33 -0.48 1.56 18.96
CA ARG B 33 -1.76 2.09 19.39
C ARG B 33 -3.01 1.27 19.12
N SER B 34 -2.89 0.13 18.44
CA SER B 34 -3.97 -0.82 18.32
C SER B 34 -3.90 -1.93 19.33
N THR B 35 -2.99 -1.81 20.25
CA THR B 35 -3.00 -2.65 21.43
C THR B 35 -4.38 -3.01 21.95
N LEU B 36 -5.32 -2.09 22.00
CA LEU B 36 -6.55 -2.26 22.74
C LEU B 36 -7.53 -3.17 22.07
N LEU B 37 -7.62 -3.07 20.77
CA LEU B 37 -8.45 -3.89 19.94
C LEU B 37 -7.79 -5.20 19.71
N THR B 38 -6.49 -5.18 19.67
CA THR B 38 -5.69 -6.40 19.52
C THR B 38 -5.99 -7.25 20.68
N LEU B 39 -5.76 -6.71 21.87
CA LEU B 39 -6.06 -7.37 23.12
C LEU B 39 -7.54 -7.69 23.29
N ALA B 40 -8.48 -6.87 22.82
CA ALA B 40 -9.83 -7.33 23.09
C ALA B 40 -10.08 -8.57 22.29
N ALA B 41 -9.53 -8.61 21.09
CA ALA B 41 -9.71 -9.72 20.20
C ALA B 41 -8.92 -10.95 20.63
N ALA B 42 -7.80 -10.75 21.26
CA ALA B 42 -7.15 -11.88 21.82
C ALA B 42 -7.98 -12.46 23.01
N GLU B 43 -8.59 -11.64 23.87
CA GLU B 43 -9.26 -12.32 24.99
C GLU B 43 -10.57 -12.91 24.48
N ASN B 44 -10.86 -12.76 23.18
CA ASN B 44 -12.17 -13.17 22.69
C ASN B 44 -12.09 -14.39 21.91
N SER B 45 -12.83 -15.37 22.38
CA SER B 45 -12.46 -16.64 21.82
C SER B 45 -13.32 -17.16 20.66
N ALA B 46 -14.25 -16.31 20.18
CA ALA B 46 -14.80 -16.52 18.83
C ALA B 46 -13.79 -16.33 17.64
N PHE B 47 -12.59 -15.79 17.83
CA PHE B 47 -11.83 -15.50 16.63
C PHE B 47 -10.71 -16.46 16.29
N ILE B 48 -10.57 -16.78 15.01
CA ILE B 48 -9.32 -17.27 14.52
C ILE B 48 -8.32 -16.16 14.19
N HIS B 49 -7.20 -16.07 14.87
CA HIS B 49 -6.24 -14.99 14.54
C HIS B 49 -5.29 -15.28 13.42
N HIS B 50 -5.09 -14.29 12.53
CA HIS B 50 -4.02 -14.42 11.56
C HIS B 50 -3.10 -13.20 11.60
N THR B 51 -1.86 -13.33 11.20
CA THR B 51 -1.00 -12.22 11.47
C THR B 51 -0.05 -12.11 10.27
N HIS B 52 0.40 -10.86 10.06
CA HIS B 52 1.34 -10.48 9.05
C HIS B 52 1.93 -9.08 9.29
N PHE B 53 3.17 -8.83 8.91
CA PHE B 53 3.82 -7.58 9.29
C PHE B 53 3.59 -6.44 8.31
N ASP B 54 3.24 -6.72 7.05
CA ASP B 54 3.02 -5.73 5.99
C ASP B 54 1.49 -5.52 5.83
N GLU B 55 1.02 -4.40 6.33
CA GLU B 55 -0.44 -4.14 6.32
C GLU B 55 -1.15 -4.28 4.99
N ARG B 56 -0.45 -4.00 3.90
CA ARG B 56 -1.01 -4.22 2.56
C ARG B 56 -1.24 -5.72 2.43
N GLY B 57 -0.23 -6.49 2.84
CA GLY B 57 -0.36 -7.89 2.81
C GLY B 57 -1.53 -8.35 3.59
N LEU B 58 -1.72 -7.76 4.80
CA LEU B 58 -2.86 -8.16 5.70
C LEU B 58 -4.16 -7.94 5.02
N GLY B 59 -4.33 -6.74 4.40
CA GLY B 59 -5.58 -6.55 3.74
C GLY B 59 -5.80 -7.69 2.75
N HIS B 60 -4.79 -8.02 1.92
CA HIS B 60 -5.04 -9.07 0.96
C HIS B 60 -5.33 -10.49 1.59
N LEU B 61 -4.76 -10.73 2.78
CA LEU B 61 -4.91 -12.03 3.46
C LEU B 61 -6.35 -12.15 3.88
N ALA B 62 -6.91 -11.08 4.45
CA ALA B 62 -8.30 -11.07 4.81
C ALA B 62 -9.16 -11.18 3.55
N LEU B 63 -8.74 -10.53 2.46
CA LEU B 63 -9.49 -10.62 1.16
C LEU B 63 -9.60 -12.08 0.71
N GLY B 64 -8.42 -12.76 0.62
CA GLY B 64 -8.30 -14.22 0.68
C GLY B 64 -9.27 -15.02 1.58
N LEU B 65 -9.14 -14.99 2.91
CA LEU B 65 -10.09 -15.68 3.81
C LEU B 65 -11.57 -15.38 3.47
N ALA B 66 -11.89 -14.12 3.18
CA ALA B 66 -13.24 -13.75 3.02
C ALA B 66 -13.75 -14.32 1.70
N LYS B 67 -13.01 -14.17 0.60
CA LYS B 67 -13.32 -14.71 -0.69
C LYS B 67 -13.72 -16.14 -0.66
N VAL B 68 -12.90 -16.96 -0.01
CA VAL B 68 -13.24 -18.33 -0.01
C VAL B 68 -14.42 -18.70 0.90
N SER B 69 -14.32 -18.36 2.18
CA SER B 69 -15.35 -18.71 3.13
C SER B 69 -16.67 -17.95 2.96
N LYS B 70 -16.65 -16.78 2.33
CA LYS B 70 -17.92 -16.05 2.05
C LYS B 70 -18.43 -15.52 3.33
N GLN B 71 -17.67 -15.54 4.41
CA GLN B 71 -18.17 -14.87 5.61
C GLN B 71 -17.36 -13.60 5.95
N PRO B 72 -17.95 -12.64 6.66
CA PRO B 72 -17.15 -11.40 6.71
C PRO B 72 -15.87 -11.58 7.54
N VAL B 73 -14.82 -10.84 7.26
CA VAL B 73 -13.54 -11.11 7.91
C VAL B 73 -13.06 -9.81 8.48
N ALA B 74 -12.55 -9.78 9.73
CA ALA B 74 -12.16 -8.49 10.34
C ALA B 74 -10.66 -8.14 10.25
N VAL B 75 -10.30 -6.86 10.18
CA VAL B 75 -8.91 -6.49 10.15
C VAL B 75 -8.63 -5.47 11.14
N ILE B 76 -7.49 -5.56 11.81
CA ILE B 76 -7.14 -4.59 12.83
C ILE B 76 -5.78 -4.01 12.57
N VAL B 77 -5.68 -2.70 12.65
CA VAL B 77 -4.39 -2.06 12.46
C VAL B 77 -4.27 -0.84 13.33
N THR B 78 -3.04 -0.48 13.64
CA THR B 78 -2.69 0.68 14.43
C THR B 78 -2.86 1.94 13.61
N SER B 79 -2.75 3.09 14.24
CA SER B 79 -3.14 4.35 13.59
C SER B 79 -1.99 4.77 12.73
N GLY B 80 -2.20 5.66 11.73
CA GLY B 80 -1.19 6.10 10.68
C GLY B 80 -1.19 5.42 9.28
N THR B 81 -0.10 5.57 8.54
CA THR B 81 0.03 4.84 7.25
C THR B 81 -0.24 3.32 7.26
N ALA B 82 -0.09 2.67 8.40
CA ALA B 82 -0.55 1.26 8.44
C ALA B 82 -1.93 1.29 7.86
N VAL B 83 -2.77 2.19 8.31
CA VAL B 83 -4.04 2.25 7.75
C VAL B 83 -4.10 2.42 6.20
N ALA B 84 -3.34 3.34 5.59
CA ALA B 84 -3.39 3.51 4.09
C ALA B 84 -3.12 2.24 3.36
N ASN B 85 -2.35 1.33 3.97
CA ASN B 85 -1.92 0.11 3.24
C ASN B 85 -3.08 -0.84 3.03
N LEU B 86 -4.23 -0.52 3.63
CA LEU B 86 -5.45 -1.27 3.41
C LEU B 86 -6.14 -0.92 2.09
N TYR B 87 -5.67 0.12 1.41
CA TYR B 87 -6.49 0.60 0.30
C TYR B 87 -6.73 -0.44 -0.80
N PRO B 88 -5.65 -1.06 -1.26
CA PRO B 88 -5.84 -1.95 -2.39
C PRO B 88 -6.84 -3.10 -2.05
N ALA B 89 -6.70 -3.77 -0.90
CA ALA B 89 -7.61 -4.87 -0.66
C ALA B 89 -9.00 -4.32 -0.58
N LEU B 90 -9.16 -3.10 -0.06
CA LEU B 90 -10.49 -2.54 0.19
C LEU B 90 -11.24 -2.26 -1.15
N ILE B 91 -10.59 -1.50 -2.00
CA ILE B 91 -10.98 -1.36 -3.38
C ILE B 91 -11.38 -2.74 -4.04
N GLU B 92 -10.49 -3.70 -4.09
CA GLU B 92 -10.85 -4.94 -4.78
C GLU B 92 -12.21 -5.50 -4.21
N ALA B 93 -12.32 -5.42 -2.89
CA ALA B 93 -13.48 -6.00 -2.21
C ALA B 93 -14.70 -5.30 -2.77
N GLY B 94 -14.55 -4.02 -3.07
CA GLY B 94 -15.66 -3.23 -3.39
C GLY B 94 -16.09 -3.69 -4.76
N LEU B 95 -15.19 -4.21 -5.54
CA LEU B 95 -15.62 -4.57 -6.79
C LEU B 95 -16.05 -6.09 -6.73
N THR B 96 -15.42 -6.89 -5.87
CA THR B 96 -15.79 -8.32 -5.87
C THR B 96 -16.75 -8.77 -4.80
N GLY B 97 -16.85 -8.00 -3.71
CA GLY B 97 -17.94 -8.17 -2.75
C GLY B 97 -17.54 -8.77 -1.41
N GLU B 98 -16.26 -9.16 -1.29
CA GLU B 98 -15.76 -9.78 -0.05
C GLU B 98 -16.20 -8.90 1.12
N LYS B 99 -16.61 -9.40 2.30
CA LYS B 99 -16.87 -8.43 3.42
C LYS B 99 -15.68 -8.04 4.29
N LEU B 100 -14.82 -7.09 3.88
CA LEU B 100 -13.69 -6.75 4.79
C LEU B 100 -14.14 -5.80 5.91
N ILE B 101 -13.99 -6.19 7.16
CA ILE B 101 -14.33 -5.26 8.24
C ILE B 101 -13.11 -4.58 8.84
N LEU B 102 -12.78 -3.38 8.49
CA LEU B 102 -11.51 -2.79 8.91
C LEU B 102 -11.52 -2.09 10.27
N LEU B 103 -11.10 -2.71 11.38
CA LEU B 103 -11.09 -1.88 12.53
C LEU B 103 -9.88 -0.97 12.58
N THR B 104 -9.93 0.30 12.22
CA THR B 104 -8.60 1.09 12.27
C THR B 104 -8.44 1.91 13.53
N ALA B 105 -7.44 1.59 14.29
CA ALA B 105 -7.30 2.28 15.51
C ALA B 105 -6.78 3.71 15.24
N ASP B 106 -7.07 4.71 16.07
CA ASP B 106 -6.78 6.13 15.73
C ASP B 106 -6.42 6.86 16.98
N ARG B 107 -5.55 7.86 16.84
CA ARG B 107 -5.20 8.76 17.94
C ARG B 107 -6.53 9.43 18.24
N PRO B 108 -6.81 9.87 19.49
CA PRO B 108 -8.07 10.51 19.82
C PRO B 108 -8.03 11.90 19.24
N PRO B 109 -9.17 12.55 19.09
CA PRO B 109 -9.08 13.59 18.12
C PRO B 109 -8.45 14.85 18.59
N GLU B 110 -8.23 15.01 19.88
CA GLU B 110 -7.38 16.08 20.31
C GLU B 110 -6.00 15.95 19.72
N LEU B 111 -5.64 14.77 19.29
CA LEU B 111 -4.27 14.64 18.81
C LEU B 111 -4.10 14.69 17.28
N ILE B 112 -5.05 15.24 16.51
CA ILE B 112 -4.98 15.15 15.03
C ILE B 112 -4.54 16.51 14.47
N ASP B 113 -3.62 16.59 13.57
CA ASP B 113 -3.28 17.92 13.03
C ASP B 113 -2.59 18.82 14.07
N CYS B 114 -1.77 18.27 14.93
CA CYS B 114 -1.10 19.14 15.83
C CYS B 114 0.33 18.66 15.92
N GLY B 115 0.80 17.97 14.89
CA GLY B 115 2.14 17.32 14.88
C GLY B 115 2.48 16.26 15.95
N ALA B 116 1.45 15.65 16.56
CA ALA B 116 1.59 14.42 17.35
C ALA B 116 2.18 13.34 16.47
N ASN B 117 2.68 12.31 17.09
CA ASN B 117 3.31 11.33 16.32
C ASN B 117 2.41 10.23 15.82
N GLN B 118 2.65 9.81 14.58
CA GLN B 118 1.96 8.70 13.97
C GLN B 118 0.44 8.90 14.03
N ALA B 119 0.01 10.03 13.45
CA ALA B 119 -1.33 10.64 13.58
C ALA B 119 -1.65 11.33 12.27
N ILE B 120 -2.76 10.96 11.69
CA ILE B 120 -3.12 11.39 10.34
C ILE B 120 -4.63 11.53 10.29
N ARG B 121 -5.24 12.03 9.22
CA ARG B 121 -6.72 12.17 9.28
C ARG B 121 -7.25 10.86 8.84
N GLN B 122 -7.92 10.08 9.68
CA GLN B 122 -8.39 8.76 9.24
C GLN B 122 -9.80 8.69 8.73
N PRO B 123 -10.77 9.30 9.43
CA PRO B 123 -12.14 9.20 8.88
C PRO B 123 -12.15 9.74 7.43
N GLY B 124 -12.66 9.04 6.45
CA GLY B 124 -12.82 9.66 5.16
C GLY B 124 -11.83 9.12 4.17
N MET B 125 -10.67 8.65 4.69
CA MET B 125 -9.49 8.25 3.92
C MET B 125 -9.79 7.34 2.78
N PHE B 126 -10.82 6.51 2.86
CA PHE B 126 -10.93 5.54 1.81
C PHE B 126 -12.02 5.98 0.91
N ALA B 127 -12.47 7.21 1.06
CA ALA B 127 -13.39 7.88 0.13
C ALA B 127 -14.59 6.94 -0.01
N SER B 128 -15.11 6.76 -1.24
CA SER B 128 -16.37 6.06 -1.55
C SER B 128 -16.17 4.61 -1.61
N HIS B 129 -14.92 4.11 -1.61
CA HIS B 129 -14.70 2.64 -1.72
C HIS B 129 -15.36 1.67 -0.74
N PRO B 130 -15.37 2.00 0.56
CA PRO B 130 -16.11 1.03 1.42
C PRO B 130 -17.59 1.12 1.13
N THR B 131 -18.37 0.14 1.53
CA THR B 131 -19.81 0.25 1.38
C THR B 131 -20.43 1.04 2.52
N HIS B 132 -19.91 0.91 3.76
CA HIS B 132 -20.39 1.72 4.92
C HIS B 132 -19.13 2.35 5.50
N SER B 133 -19.17 3.62 5.89
CA SER B 133 -17.97 4.04 6.58
C SER B 133 -18.38 4.45 7.92
N ILE B 134 -17.70 4.11 9.03
CA ILE B 134 -18.16 4.57 10.35
C ILE B 134 -17.12 5.39 11.08
N SER B 135 -17.46 6.56 11.62
CA SER B 135 -16.48 7.19 12.48
C SER B 135 -16.84 7.26 13.96
N LEU B 136 -16.29 6.34 14.72
CA LEU B 136 -16.78 6.10 16.02
C LEU B 136 -16.33 7.26 16.79
N PRO B 137 -17.14 7.71 17.73
CA PRO B 137 -16.61 8.90 18.51
C PRO B 137 -15.56 8.49 19.52
N ARG B 138 -14.94 9.53 20.10
CA ARG B 138 -14.05 9.36 21.28
C ARG B 138 -14.80 8.66 22.40
N PRO B 139 -14.23 7.55 22.84
CA PRO B 139 -14.88 6.67 23.80
C PRO B 139 -15.22 7.41 25.08
N THR B 140 -16.49 7.36 25.51
CA THR B 140 -16.96 7.94 26.81
C THR B 140 -18.09 7.06 27.46
N GLN B 141 -18.17 6.88 28.77
CA GLN B 141 -19.41 6.18 29.25
C GLN B 141 -20.68 7.02 29.16
N ASP B 142 -20.52 8.29 28.77
CA ASP B 142 -21.74 9.00 28.45
C ASP B 142 -22.53 8.56 27.21
N ILE B 143 -21.94 7.72 26.34
CA ILE B 143 -22.70 7.26 25.15
C ILE B 143 -22.95 5.84 25.48
N PRO B 144 -24.22 5.43 25.50
CA PRO B 144 -24.41 4.11 26.04
C PRO B 144 -23.92 3.06 25.11
N ALA B 145 -23.68 1.91 25.73
CA ALA B 145 -23.30 0.69 25.04
C ALA B 145 -24.28 0.25 23.98
N ARG B 146 -25.57 0.42 24.18
CA ARG B 146 -26.53 0.01 23.19
C ARG B 146 -26.34 0.73 21.87
N TRP B 147 -25.95 2.00 21.96
CA TRP B 147 -25.77 2.80 20.75
C TRP B 147 -24.62 2.20 19.90
N LEU B 148 -23.54 1.90 20.61
CA LEU B 148 -22.36 1.43 19.89
C LEU B 148 -22.59 0.07 19.36
N VAL B 149 -23.23 -0.79 20.14
CA VAL B 149 -23.50 -2.07 19.49
C VAL B 149 -24.48 -1.95 18.31
N SER B 150 -25.52 -1.11 18.46
CA SER B 150 -26.49 -0.88 17.37
C SER B 150 -25.88 -0.27 16.09
N THR B 151 -24.98 0.73 16.25
CA THR B 151 -24.24 1.35 15.13
C THR B 151 -23.50 0.25 14.38
N ILE B 152 -23.04 -0.76 15.11
CA ILE B 152 -22.26 -1.75 14.45
C ILE B 152 -23.26 -2.59 13.73
N ASP B 153 -24.24 -3.06 14.48
CA ASP B 153 -25.27 -3.96 13.95
C ASP B 153 -25.90 -3.46 12.68
N HIS B 154 -26.07 -2.16 12.58
CA HIS B 154 -26.72 -1.61 11.44
C HIS B 154 -25.78 -1.70 10.32
N ALA B 155 -24.49 -1.38 10.55
CA ALA B 155 -23.47 -1.39 9.46
C ALA B 155 -23.29 -2.79 8.95
N LEU B 156 -23.10 -3.81 9.83
CA LEU B 156 -22.97 -5.24 9.36
C LEU B 156 -24.27 -5.88 8.82
N GLY B 157 -25.38 -5.57 9.49
CA GLY B 157 -26.66 -6.16 9.20
C GLY B 157 -27.01 -5.79 7.79
N THR B 158 -26.80 -4.52 7.38
CA THR B 158 -27.34 -4.07 6.13
C THR B 158 -26.32 -4.20 5.00
N LEU B 159 -25.28 -4.98 5.17
CA LEU B 159 -24.24 -4.92 4.21
C LEU B 159 -24.46 -6.03 3.20
N HIS B 160 -24.94 -5.71 1.98
CA HIS B 160 -24.94 -6.73 0.84
C HIS B 160 -23.53 -7.27 0.48
N ALA B 161 -22.55 -6.37 0.30
CA ALA B 161 -21.17 -6.67 -0.10
C ALA B 161 -20.16 -5.49 0.13
N GLY B 162 -18.87 -5.85 0.13
CA GLY B 162 -17.81 -4.86 0.22
C GLY B 162 -17.44 -4.55 1.65
N GLY B 163 -16.50 -3.60 1.76
CA GLY B 163 -15.85 -3.31 3.04
C GLY B 163 -16.65 -2.37 3.91
N VAL B 164 -16.48 -2.53 5.22
CA VAL B 164 -16.91 -1.54 6.14
C VAL B 164 -15.67 -0.92 6.81
N HIS B 165 -15.61 0.38 7.03
CA HIS B 165 -14.42 0.93 7.63
C HIS B 165 -14.73 1.42 9.04
N ILE B 166 -14.39 0.69 10.11
CA ILE B 166 -14.78 1.25 11.41
C ILE B 166 -13.55 1.93 11.96
N ASN B 167 -13.53 3.25 11.96
CA ASN B 167 -12.44 3.96 12.56
C ASN B 167 -12.65 4.09 14.05
N CYS B 168 -11.67 3.70 14.86
CA CYS B 168 -11.87 3.72 16.29
C CYS B 168 -10.79 4.52 16.98
N PRO B 169 -11.12 5.71 17.40
CA PRO B 169 -10.27 6.46 18.29
C PRO B 169 -10.24 5.92 19.69
N PHE B 170 -9.10 5.98 20.32
CA PHE B 170 -8.98 5.73 21.73
C PHE B 170 -8.27 6.82 22.44
N ALA B 171 -8.80 7.26 23.55
CA ALA B 171 -8.08 8.19 24.38
C ALA B 171 -6.93 7.53 25.02
N GLU B 172 -5.81 8.23 25.07
CA GLU B 172 -4.64 7.68 25.69
C GLU B 172 -4.61 7.96 27.17
N PRO B 173 -4.52 6.93 27.99
CA PRO B 173 -3.53 5.88 27.92
C PRO B 173 -4.21 4.52 27.89
N LEU B 174 -3.45 3.44 27.84
CA LEU B 174 -3.73 2.21 28.59
C LEU B 174 -2.63 1.90 29.60
N GLU B 177 -5.02 -0.02 38.12
CA GLU B 177 -6.09 0.26 37.20
C GLU B 177 -5.83 -0.43 35.90
N MET B 178 -6.21 -1.71 35.86
CA MET B 178 -7.48 -2.14 35.33
C MET B 178 -8.52 -2.30 36.42
N ASP B 179 -9.09 -1.23 36.93
CA ASP B 179 -10.13 -1.42 37.91
C ASP B 179 -11.26 -1.43 36.99
N ASP B 180 -12.45 -1.20 37.51
CA ASP B 180 -13.74 -1.77 37.18
C ASP B 180 -14.51 -0.81 36.35
N THR B 181 -13.81 0.05 35.67
CA THR B 181 -14.40 1.29 35.32
C THR B 181 -15.35 1.10 34.21
N GLY B 182 -15.10 0.14 33.37
CA GLY B 182 -16.04 0.00 32.30
C GLY B 182 -17.39 -0.54 32.65
N LEU B 183 -17.58 -1.08 33.83
CA LEU B 183 -18.19 -2.38 33.93
C LEU B 183 -19.66 -2.40 34.06
N SER B 184 -20.22 -1.60 34.92
CA SER B 184 -21.62 -1.38 34.85
C SER B 184 -22.03 -0.90 33.51
N TRP B 185 -21.27 -0.02 32.89
CA TRP B 185 -21.58 0.47 31.49
C TRP B 185 -21.89 -0.65 30.50
N GLN B 186 -21.16 -1.79 30.57
CA GLN B 186 -21.34 -2.98 29.71
C GLN B 186 -22.57 -3.79 30.04
N GLN B 187 -22.92 -3.85 31.31
CA GLN B 187 -24.06 -4.64 31.80
C GLN B 187 -25.38 -3.94 31.50
N ARG B 188 -25.39 -2.66 31.21
CA ARG B 188 -26.64 -2.20 30.70
C ARG B 188 -27.02 -3.08 29.49
N LEU B 189 -26.11 -3.88 28.97
CA LEU B 189 -26.50 -4.70 27.80
C LEU B 189 -27.23 -5.94 28.21
N GLY B 190 -27.08 -6.25 29.50
CA GLY B 190 -27.88 -7.29 30.10
C GLY B 190 -27.59 -8.60 29.51
N ASP B 191 -28.61 -9.36 29.19
CA ASP B 191 -28.27 -10.67 28.79
C ASP B 191 -27.98 -10.81 27.29
N TRP B 192 -27.80 -9.69 26.59
CA TRP B 192 -27.15 -9.83 25.28
C TRP B 192 -25.85 -10.58 25.31
N TRP B 193 -25.17 -10.57 26.48
CA TRP B 193 -23.74 -11.00 26.47
C TRP B 193 -23.70 -12.46 26.36
N GLN B 194 -24.83 -13.16 26.54
CA GLN B 194 -24.81 -14.61 26.54
C GLN B 194 -25.63 -15.14 25.40
N ASP B 195 -26.22 -14.17 24.71
CA ASP B 195 -27.02 -14.39 23.54
C ASP B 195 -26.19 -14.71 22.34
N ASP B 196 -26.91 -15.05 21.28
CA ASP B 196 -26.23 -15.41 20.09
C ASP B 196 -26.64 -14.57 18.89
N LYS B 197 -27.33 -13.44 19.09
CA LYS B 197 -27.99 -12.73 18.00
C LYS B 197 -27.55 -11.28 18.06
N PRO B 198 -27.56 -10.48 16.96
CA PRO B 198 -27.30 -9.05 17.29
C PRO B 198 -28.25 -8.44 18.36
N TRP B 199 -27.83 -7.24 18.82
CA TRP B 199 -28.60 -6.31 19.63
C TRP B 199 -29.75 -5.90 18.81
N LEU B 200 -29.50 -5.14 17.73
CA LEU B 200 -30.50 -4.82 16.71
C LEU B 200 -30.40 -5.69 15.47
N ARG B 201 -31.51 -6.30 15.02
CA ARG B 201 -31.44 -7.14 13.80
C ARG B 201 -31.99 -6.35 12.65
N GLU B 202 -31.17 -5.67 11.92
CA GLU B 202 -31.62 -4.90 10.77
C GLU B 202 -30.96 -5.59 9.54
N ALA B 203 -31.72 -6.37 8.79
CA ALA B 203 -31.05 -7.17 7.76
C ALA B 203 -31.82 -7.28 6.40
N PRO B 204 -32.21 -6.16 5.81
CA PRO B 204 -33.09 -6.24 4.61
C PRO B 204 -32.39 -7.03 3.57
N ARG B 205 -33.16 -7.79 2.81
CA ARG B 205 -32.57 -8.50 1.69
C ARG B 205 -32.80 -7.79 0.37
N LEU B 206 -31.82 -7.91 -0.54
CA LEU B 206 -31.73 -7.12 -1.80
C LEU B 206 -31.77 -8.12 -2.92
N GLU B 207 -32.77 -8.07 -3.79
CA GLU B 207 -32.84 -9.11 -4.83
C GLU B 207 -33.80 -8.69 -5.96
N SER B 208 -33.46 -8.88 -7.24
CA SER B 208 -34.45 -8.67 -8.29
C SER B 208 -35.55 -9.74 -8.33
N GLU B 209 -36.72 -9.34 -8.90
CA GLU B 209 -37.96 -10.13 -8.85
C GLU B 209 -38.01 -11.07 -10.06
N LYS B 210 -38.72 -12.22 -9.95
CA LYS B 210 -38.79 -13.27 -11.01
C LYS B 210 -39.06 -12.51 -12.29
N GLN B 211 -38.26 -12.65 -13.36
CA GLN B 211 -38.61 -12.02 -14.65
C GLN B 211 -39.84 -12.71 -15.34
N ARG B 212 -40.92 -11.92 -15.46
CA ARG B 212 -42.20 -12.53 -15.77
C ARG B 212 -42.27 -13.01 -17.21
N ASP B 213 -41.30 -12.63 -18.05
CA ASP B 213 -41.28 -13.08 -19.47
C ASP B 213 -40.23 -14.07 -19.84
N TRP B 214 -39.73 -14.80 -18.86
CA TRP B 214 -38.66 -15.73 -19.14
C TRP B 214 -39.12 -16.87 -20.05
N PHE B 215 -40.37 -17.34 -19.80
CA PHE B 215 -40.98 -18.48 -20.50
C PHE B 215 -41.07 -18.15 -21.94
N PHE B 216 -41.04 -16.86 -22.28
CA PHE B 216 -40.89 -16.46 -23.66
C PHE B 216 -39.45 -16.44 -24.18
N TRP B 217 -38.55 -15.72 -23.51
CA TRP B 217 -37.21 -15.59 -23.98
C TRP B 217 -36.48 -16.89 -23.94
N ARG B 218 -36.91 -17.81 -23.09
CA ARG B 218 -36.15 -19.06 -23.04
C ARG B 218 -36.38 -19.95 -24.23
N GLN B 219 -37.24 -19.50 -25.12
CA GLN B 219 -37.50 -20.27 -26.35
C GLN B 219 -36.81 -19.62 -27.52
N LYS B 220 -35.90 -18.73 -27.20
CA LYS B 220 -35.41 -17.95 -28.25
C LYS B 220 -34.03 -18.42 -28.45
N ARG B 221 -33.37 -17.77 -29.35
CA ARG B 221 -32.10 -18.28 -29.69
C ARG B 221 -31.10 -17.62 -28.75
N GLY B 222 -30.79 -18.30 -27.65
CA GLY B 222 -30.03 -17.66 -26.59
C GLY B 222 -28.58 -18.03 -26.57
N VAL B 223 -27.71 -17.14 -26.06
CA VAL B 223 -26.32 -17.53 -25.73
C VAL B 223 -26.11 -17.35 -24.27
N VAL B 224 -25.48 -18.33 -23.61
CA VAL B 224 -25.04 -18.23 -22.21
C VAL B 224 -23.55 -17.93 -22.00
N VAL B 225 -23.23 -16.78 -21.43
CA VAL B 225 -21.82 -16.54 -21.00
C VAL B 225 -21.68 -16.76 -19.49
N ALA B 226 -20.66 -17.47 -19.06
CA ALA B 226 -20.50 -17.67 -17.62
C ALA B 226 -19.15 -17.12 -17.26
N GLY B 227 -19.08 -16.26 -16.24
CA GLY B 227 -17.79 -15.77 -15.63
C GLY B 227 -17.78 -16.19 -14.14
N ARG B 228 -17.02 -15.48 -13.28
CA ARG B 228 -16.72 -15.86 -11.89
C ARG B 228 -18.02 -16.07 -11.18
N MET B 229 -18.26 -17.31 -10.68
CA MET B 229 -19.35 -17.70 -9.78
C MET B 229 -18.86 -18.84 -8.87
N SER B 230 -19.70 -19.40 -8.01
CA SER B 230 -19.11 -20.49 -7.23
C SER B 230 -18.98 -21.81 -8.01
N ALA B 231 -18.15 -22.72 -7.51
CA ALA B 231 -18.03 -24.05 -8.08
C ALA B 231 -19.36 -24.88 -8.25
N GLU B 232 -20.26 -24.92 -7.25
CA GLU B 232 -21.62 -25.45 -7.44
C GLU B 232 -22.32 -24.68 -8.54
N GLU B 233 -22.09 -23.37 -8.55
CA GLU B 233 -22.82 -22.57 -9.49
C GLU B 233 -22.43 -23.00 -10.93
N GLY B 234 -21.12 -23.20 -11.13
CA GLY B 234 -20.60 -23.53 -12.43
C GLY B 234 -21.30 -24.77 -12.92
N LYS B 235 -21.57 -25.70 -12.07
CA LYS B 235 -22.17 -26.88 -12.57
C LYS B 235 -23.69 -26.62 -12.88
N LYS B 236 -24.44 -25.92 -12.00
CA LYS B 236 -25.87 -25.76 -12.20
C LYS B 236 -26.09 -25.05 -13.53
N VAL B 237 -25.16 -24.10 -13.79
CA VAL B 237 -25.13 -23.38 -15.12
C VAL B 237 -24.82 -24.28 -16.33
N ALA B 238 -23.83 -25.15 -16.19
CA ALA B 238 -23.56 -26.15 -17.21
C ALA B 238 -24.75 -27.08 -17.51
N LEU B 239 -25.42 -27.58 -16.46
CA LEU B 239 -26.71 -28.24 -16.69
C LEU B 239 -27.70 -27.34 -17.49
N TRP B 240 -28.15 -26.25 -16.88
CA TRP B 240 -29.10 -25.33 -17.44
C TRP B 240 -28.83 -25.02 -18.90
N ALA B 241 -27.58 -24.81 -19.30
CA ALA B 241 -27.25 -24.34 -20.66
C ALA B 241 -27.47 -25.45 -21.68
N GLN B 242 -27.17 -26.67 -21.22
CA GLN B 242 -27.33 -27.86 -22.03
C GLN B 242 -28.84 -28.12 -22.14
N THR B 243 -29.56 -28.20 -21.00
CA THR B 243 -31.02 -28.28 -21.03
C THR B 243 -31.72 -27.37 -22.10
N LEU B 244 -31.29 -26.10 -22.19
CA LEU B 244 -31.87 -25.15 -23.16
C LEU B 244 -31.33 -25.28 -24.66
N GLY B 245 -30.19 -25.93 -24.87
CA GLY B 245 -29.67 -25.95 -26.27
C GLY B 245 -28.87 -24.70 -26.67
N TRP B 246 -28.49 -23.92 -25.68
CA TRP B 246 -27.79 -22.71 -25.99
C TRP B 246 -26.34 -22.99 -25.77
N PRO B 247 -25.50 -22.26 -26.46
CA PRO B 247 -24.11 -22.54 -26.31
C PRO B 247 -23.68 -21.85 -25.04
N LEU B 248 -22.70 -22.43 -24.34
CA LEU B 248 -22.15 -21.85 -23.13
C LEU B 248 -20.76 -21.47 -23.44
N ILE B 249 -20.45 -20.15 -23.48
CA ILE B 249 -19.05 -19.70 -23.42
C ILE B 249 -18.61 -19.60 -21.90
N GLY B 250 -17.64 -20.44 -21.52
CA GLY B 250 -17.35 -20.72 -20.13
C GLY B 250 -15.95 -20.28 -19.80
N ASP B 251 -15.80 -19.34 -18.89
CA ASP B 251 -14.55 -18.56 -18.70
C ASP B 251 -13.78 -19.37 -17.68
N VAL B 252 -12.44 -19.18 -17.63
CA VAL B 252 -11.63 -19.90 -16.62
C VAL B 252 -12.14 -19.77 -15.18
N LEU B 253 -13.07 -18.84 -14.89
CA LEU B 253 -13.36 -18.59 -13.52
C LEU B 253 -14.70 -19.21 -13.22
N SER B 254 -15.26 -19.92 -14.21
CA SER B 254 -16.68 -20.27 -14.17
C SER B 254 -16.84 -21.64 -13.63
N GLN B 255 -15.82 -22.45 -13.77
CA GLN B 255 -15.96 -23.83 -13.28
C GLN B 255 -17.17 -24.59 -13.92
N THR B 256 -17.37 -24.32 -15.21
CA THR B 256 -18.55 -24.88 -15.86
C THR B 256 -18.18 -26.16 -16.55
N GLY B 257 -16.90 -26.47 -16.60
CA GLY B 257 -16.52 -27.64 -17.32
C GLY B 257 -16.16 -27.16 -18.69
N GLN B 258 -16.62 -25.99 -19.06
CA GLN B 258 -16.17 -25.41 -20.31
C GLN B 258 -16.47 -26.30 -21.52
N PRO B 259 -17.70 -26.83 -21.63
CA PRO B 259 -18.01 -27.74 -22.77
C PRO B 259 -17.58 -27.23 -24.18
N LEU B 260 -17.60 -25.92 -24.42
CA LEU B 260 -17.08 -25.32 -25.68
C LEU B 260 -15.75 -24.61 -25.47
N PRO B 261 -14.79 -25.37 -25.10
CA PRO B 261 -13.48 -25.03 -24.76
C PRO B 261 -12.81 -24.24 -25.84
N CYS B 262 -11.76 -23.53 -25.46
CA CYS B 262 -11.01 -22.67 -26.36
C CYS B 262 -11.80 -21.50 -26.98
N ALA B 263 -12.95 -21.14 -26.43
CA ALA B 263 -13.63 -19.96 -26.91
C ALA B 263 -12.66 -18.83 -27.41
N ASP B 264 -11.59 -18.57 -26.70
CA ASP B 264 -10.78 -17.52 -27.17
C ASP B 264 -10.23 -17.84 -28.56
N LEU B 265 -10.16 -19.11 -28.91
CA LEU B 265 -9.63 -19.36 -30.23
C LEU B 265 -10.77 -19.27 -31.23
N TRP B 266 -11.84 -19.98 -30.95
CA TRP B 266 -12.86 -20.05 -31.94
C TRP B 266 -13.74 -18.78 -32.06
N LEU B 267 -13.75 -17.92 -31.06
CA LEU B 267 -14.46 -16.68 -31.24
C LEU B 267 -13.85 -15.93 -32.45
N GLY B 268 -12.64 -16.26 -32.86
CA GLY B 268 -12.00 -15.47 -33.97
C GLY B 268 -12.20 -15.96 -35.42
N ASN B 269 -12.99 -17.06 -35.52
CA ASN B 269 -13.47 -17.71 -36.75
C ASN B 269 -14.84 -17.26 -37.24
N ALA B 270 -14.96 -16.84 -38.50
CA ALA B 270 -16.26 -16.28 -39.01
C ALA B 270 -17.42 -17.23 -38.91
N LYS B 271 -17.17 -18.53 -39.00
CA LYS B 271 -18.32 -19.43 -39.10
C LYS B 271 -19.04 -19.41 -37.73
N ALA B 272 -18.32 -18.93 -36.70
CA ALA B 272 -18.87 -18.88 -35.35
C ALA B 272 -19.38 -17.50 -35.00
N THR B 273 -18.66 -16.42 -35.39
CA THR B 273 -19.20 -15.05 -35.27
C THR B 273 -20.63 -15.07 -35.91
N SER B 274 -20.74 -15.68 -37.09
CA SER B 274 -22.00 -15.73 -37.78
C SER B 274 -23.08 -16.52 -37.15
N GLU B 275 -22.79 -17.61 -36.49
CA GLU B 275 -23.87 -18.29 -35.79
C GLU B 275 -24.26 -17.41 -34.62
N LEU B 276 -23.29 -16.76 -33.99
CA LEU B 276 -23.62 -15.92 -32.82
C LEU B 276 -24.47 -14.66 -33.13
N GLN B 277 -24.32 -14.12 -34.33
CA GLN B 277 -25.17 -13.05 -34.78
C GLN B 277 -26.61 -13.52 -34.75
N GLN B 278 -26.85 -14.83 -34.82
CA GLN B 278 -28.26 -15.19 -35.00
C GLN B 278 -28.95 -15.08 -33.62
N ALA B 279 -28.12 -14.81 -32.56
CA ALA B 279 -28.51 -14.84 -31.11
C ALA B 279 -29.37 -13.65 -30.63
N GLN B 280 -30.55 -13.95 -30.08
CA GLN B 280 -31.53 -12.90 -29.87
C GLN B 280 -31.55 -12.39 -28.43
N ILE B 281 -31.15 -13.29 -27.52
CA ILE B 281 -30.87 -12.96 -26.17
C ILE B 281 -29.48 -13.48 -25.76
N VAL B 282 -28.82 -12.72 -24.92
CA VAL B 282 -27.69 -13.24 -24.21
C VAL B 282 -27.84 -13.21 -22.64
N VAL B 283 -27.52 -14.31 -22.00
CA VAL B 283 -27.58 -14.33 -20.53
C VAL B 283 -26.14 -14.49 -19.94
N GLN B 284 -25.65 -13.48 -19.26
CA GLN B 284 -24.32 -13.65 -18.75
C GLN B 284 -24.51 -13.82 -17.27
N LEU B 285 -23.97 -14.89 -16.70
CA LEU B 285 -24.15 -15.16 -15.26
C LEU B 285 -22.78 -15.00 -14.58
N GLY B 286 -22.68 -14.14 -13.56
CA GLY B 286 -21.32 -13.69 -13.07
C GLY B 286 -20.62 -12.65 -13.98
N SER B 287 -19.44 -12.20 -13.65
CA SER B 287 -18.87 -11.04 -14.37
C SER B 287 -17.39 -11.25 -14.38
N SER B 288 -16.64 -10.21 -14.73
CA SER B 288 -15.19 -10.27 -14.98
C SER B 288 -14.70 -11.25 -16.04
N LEU B 289 -15.28 -11.26 -17.26
CA LEU B 289 -14.78 -12.13 -18.36
C LEU B 289 -13.24 -11.95 -18.65
N THR B 290 -12.51 -13.04 -18.92
CA THR B 290 -11.05 -13.02 -19.10
C THR B 290 -10.59 -12.87 -20.56
N GLY B 291 -11.04 -13.77 -21.46
CA GLY B 291 -10.52 -13.79 -22.83
C GLY B 291 -10.50 -12.49 -23.59
N LYS B 292 -9.43 -12.30 -24.39
CA LYS B 292 -9.41 -11.08 -25.20
C LYS B 292 -10.51 -11.11 -26.24
N ARG B 293 -10.73 -12.28 -26.84
CA ARG B 293 -11.83 -12.36 -27.83
C ARG B 293 -13.20 -12.28 -27.24
N LEU B 294 -13.35 -12.83 -26.03
CA LEU B 294 -14.67 -12.84 -25.48
C LEU B 294 -14.96 -11.46 -25.04
N LEU B 295 -13.95 -10.74 -24.55
CA LEU B 295 -14.23 -9.32 -24.35
C LEU B 295 -14.74 -8.59 -25.63
N GLN B 296 -14.08 -8.78 -26.77
CA GLN B 296 -14.49 -8.03 -27.98
C GLN B 296 -15.82 -8.54 -28.44
N TRP B 297 -15.98 -9.85 -28.39
CA TRP B 297 -17.20 -10.34 -28.91
C TRP B 297 -18.44 -9.70 -28.22
N GLN B 298 -18.33 -9.62 -26.89
CA GLN B 298 -19.31 -9.08 -26.02
C GLN B 298 -19.51 -7.57 -26.24
N ALA B 299 -18.43 -6.84 -26.54
CA ALA B 299 -18.51 -5.41 -26.91
C ALA B 299 -19.31 -5.14 -28.17
N SER B 300 -19.30 -6.07 -29.13
CA SER B 300 -20.00 -5.79 -30.38
C SER B 300 -21.27 -6.54 -30.66
N CYS B 301 -21.73 -7.41 -29.74
CA CYS B 301 -22.91 -8.25 -30.09
C CYS B 301 -24.15 -7.48 -30.00
N GLU B 302 -25.13 -7.80 -30.76
CA GLU B 302 -26.21 -6.85 -30.76
C GLU B 302 -27.55 -7.63 -30.66
N PRO B 303 -27.71 -8.49 -29.61
CA PRO B 303 -28.91 -9.30 -29.28
C PRO B 303 -30.08 -8.42 -29.02
N GLU B 304 -31.27 -9.03 -29.01
CA GLU B 304 -32.47 -8.22 -28.81
C GLU B 304 -32.21 -7.66 -27.38
N GLU B 305 -31.74 -8.54 -26.43
CA GLU B 305 -31.50 -8.26 -25.00
C GLU B 305 -30.17 -8.85 -24.47
N TYR B 306 -29.47 -8.09 -23.61
CA TYR B 306 -28.35 -8.59 -22.84
C TYR B 306 -28.65 -8.67 -21.32
N TRP B 307 -28.58 -9.81 -20.69
CA TRP B 307 -28.91 -9.86 -19.31
C TRP B 307 -27.63 -10.12 -18.54
N ILE B 308 -27.48 -9.48 -17.38
CA ILE B 308 -26.45 -9.97 -16.43
C ILE B 308 -27.04 -10.33 -15.06
N VAL B 309 -26.80 -11.60 -14.69
CA VAL B 309 -27.16 -12.11 -13.39
C VAL B 309 -25.95 -12.17 -12.48
N ASP B 310 -26.00 -11.50 -11.35
CA ASP B 310 -24.94 -11.56 -10.36
C ASP B 310 -25.35 -11.05 -8.97
N ASP B 311 -24.67 -11.53 -7.98
CA ASP B 311 -25.01 -11.18 -6.65
C ASP B 311 -24.47 -9.87 -6.25
N ILE B 312 -24.43 -8.88 -7.12
CA ILE B 312 -23.59 -7.75 -6.83
C ILE B 312 -24.26 -6.60 -7.50
N GLU B 313 -24.07 -5.42 -6.93
CA GLU B 313 -24.83 -4.32 -7.44
C GLU B 313 -24.01 -3.58 -8.42
N GLY B 314 -24.67 -2.79 -9.23
CA GLY B 314 -23.96 -1.98 -10.19
C GLY B 314 -24.14 -2.45 -11.63
N ARG B 315 -23.96 -1.56 -12.56
CA ARG B 315 -23.87 -2.06 -13.93
C ARG B 315 -22.59 -2.92 -14.07
N LEU B 316 -22.67 -3.98 -14.89
CA LEU B 316 -21.54 -4.77 -15.20
C LEU B 316 -21.27 -4.99 -16.70
N ASP B 317 -22.03 -4.35 -17.57
CA ASP B 317 -21.82 -4.54 -18.98
C ASP B 317 -21.09 -3.34 -19.44
N PRO B 318 -19.78 -3.41 -19.57
CA PRO B 318 -19.10 -2.15 -19.98
C PRO B 318 -19.42 -1.67 -21.44
N ALA B 319 -20.18 -2.45 -22.23
CA ALA B 319 -20.68 -1.99 -23.55
C ALA B 319 -22.10 -1.30 -23.52
N HIS B 320 -22.89 -1.50 -22.43
CA HIS B 320 -24.14 -0.75 -22.17
C HIS B 320 -25.23 -1.18 -23.10
N HIS B 321 -25.52 -2.47 -23.16
CA HIS B 321 -26.49 -2.97 -24.10
C HIS B 321 -27.79 -2.68 -23.50
N ARG B 322 -28.81 -2.50 -24.31
CA ARG B 322 -30.23 -2.58 -23.82
C ARG B 322 -30.38 -3.94 -23.22
N GLY B 323 -31.01 -4.05 -22.04
CA GLY B 323 -31.10 -5.31 -21.36
C GLY B 323 -31.44 -5.21 -19.92
N ARG B 324 -30.91 -6.10 -19.10
CA ARG B 324 -31.35 -6.04 -17.71
C ARG B 324 -30.22 -6.40 -16.87
N ARG B 325 -30.28 -5.95 -15.62
CA ARG B 325 -29.14 -6.20 -14.67
C ARG B 325 -29.86 -6.74 -13.47
N LEU B 326 -29.73 -8.05 -13.26
CA LEU B 326 -30.52 -8.65 -12.22
C LEU B 326 -29.67 -9.04 -11.02
N ILE B 327 -30.08 -8.64 -9.79
CA ILE B 327 -29.20 -8.91 -8.63
C ILE B 327 -29.72 -10.12 -7.95
N ALA B 328 -28.94 -11.17 -7.99
CA ALA B 328 -29.45 -12.33 -7.35
C ALA B 328 -28.32 -13.36 -7.17
N ASN B 329 -28.41 -14.20 -6.14
CA ASN B 329 -27.67 -15.41 -6.08
C ASN B 329 -27.86 -16.30 -7.32
N ILE B 330 -26.80 -16.71 -8.01
CA ILE B 330 -27.03 -17.41 -9.27
C ILE B 330 -27.77 -18.71 -9.13
N ALA B 331 -27.35 -19.50 -8.18
CA ALA B 331 -28.07 -20.73 -7.87
C ALA B 331 -29.53 -20.43 -7.78
N ASP B 332 -29.88 -19.42 -7.00
CA ASP B 332 -31.31 -19.14 -6.77
C ASP B 332 -31.92 -18.68 -8.04
N TRP B 333 -31.22 -17.82 -8.74
CA TRP B 333 -31.79 -17.35 -9.99
C TRP B 333 -32.18 -18.49 -10.89
N LEU B 334 -31.26 -19.41 -11.13
CA LEU B 334 -31.57 -20.51 -11.97
C LEU B 334 -32.82 -21.23 -11.50
N GLU B 335 -32.97 -21.42 -10.20
CA GLU B 335 -34.19 -22.04 -9.73
C GLU B 335 -35.43 -21.23 -10.03
N LEU B 336 -35.36 -19.91 -9.96
CA LEU B 336 -36.52 -19.05 -10.21
C LEU B 336 -36.85 -18.82 -11.70
N HIS B 337 -35.94 -19.27 -12.57
CA HIS B 337 -36.00 -19.24 -14.06
C HIS B 337 -35.48 -20.51 -14.69
N PRO B 338 -36.10 -21.68 -14.37
CA PRO B 338 -35.53 -22.99 -14.77
C PRO B 338 -35.61 -23.16 -16.29
N ALA B 339 -34.86 -24.13 -16.82
CA ALA B 339 -34.90 -24.34 -18.24
C ALA B 339 -35.88 -25.48 -18.59
N GLU B 340 -36.32 -25.46 -19.86
CA GLU B 340 -37.26 -26.39 -20.54
C GLU B 340 -36.41 -27.01 -21.63
N LYS B 341 -36.37 -28.34 -21.68
CA LYS B 341 -35.51 -29.06 -22.62
C LYS B 341 -35.81 -28.58 -24.00
N ARG B 342 -34.75 -28.36 -24.76
CA ARG B 342 -34.87 -27.80 -26.09
C ARG B 342 -33.67 -28.14 -26.98
N GLN B 343 -33.91 -28.13 -28.30
CA GLN B 343 -32.97 -28.62 -29.32
C GLN B 343 -31.95 -27.58 -29.63
N PRO B 344 -30.70 -27.93 -29.59
CA PRO B 344 -29.57 -27.05 -29.93
C PRO B 344 -29.65 -26.26 -31.23
N TRP B 345 -29.67 -24.92 -31.17
CA TRP B 345 -29.75 -24.19 -32.41
C TRP B 345 -28.38 -24.01 -32.94
N CYS B 346 -27.40 -24.47 -32.22
CA CYS B 346 -26.07 -24.18 -32.68
C CYS B 346 -25.40 -25.29 -33.47
N VAL B 347 -25.24 -25.11 -34.76
CA VAL B 347 -24.70 -26.21 -35.57
C VAL B 347 -23.19 -26.23 -35.77
N GLU B 348 -22.60 -25.07 -36.04
CA GLU B 348 -21.19 -25.06 -36.37
C GLU B 348 -20.19 -24.85 -35.25
N ILE B 349 -20.67 -24.47 -34.03
CA ILE B 349 -19.80 -24.00 -32.97
C ILE B 349 -19.17 -25.19 -32.27
N PRO B 350 -19.98 -26.17 -31.90
CA PRO B 350 -19.28 -27.37 -31.31
C PRO B 350 -18.20 -28.06 -32.23
N ARG B 351 -18.42 -28.06 -33.55
CA ARG B 351 -17.42 -28.52 -34.51
C ARG B 351 -16.12 -27.79 -34.31
N LEU B 352 -16.11 -26.47 -34.48
CA LEU B 352 -14.93 -25.64 -34.25
C LEU B 352 -14.25 -25.67 -32.85
N ALA B 353 -14.89 -26.11 -31.77
CA ALA B 353 -14.15 -26.09 -30.52
C ALA B 353 -13.37 -27.36 -30.26
N GLU B 354 -13.92 -28.47 -30.76
CA GLU B 354 -13.19 -29.73 -30.75
C GLU B 354 -11.91 -29.50 -31.56
N GLN B 355 -12.10 -28.93 -32.74
CA GLN B 355 -10.97 -28.68 -33.63
C GLN B 355 -9.89 -27.69 -33.07
N ALA B 356 -10.41 -26.71 -32.34
CA ALA B 356 -9.67 -25.82 -31.50
C ALA B 356 -8.73 -26.56 -30.54
N MET B 357 -9.34 -27.31 -29.64
CA MET B 357 -8.60 -28.09 -28.65
C MET B 357 -7.51 -28.97 -29.37
N GLN B 358 -7.96 -29.61 -30.45
CA GLN B 358 -7.14 -30.62 -31.08
C GLN B 358 -6.04 -29.88 -31.67
N ALA B 359 -6.33 -28.72 -32.25
CA ALA B 359 -5.27 -27.73 -32.60
C ALA B 359 -4.30 -27.38 -31.43
N VAL B 360 -4.81 -26.98 -30.24
CA VAL B 360 -3.94 -26.77 -29.07
C VAL B 360 -3.06 -27.99 -28.74
N ILE B 361 -3.72 -29.14 -28.52
CA ILE B 361 -3.06 -30.45 -28.29
C ILE B 361 -1.75 -30.77 -29.16
N ALA B 362 -1.82 -30.67 -30.47
CA ALA B 362 -0.63 -30.77 -31.28
C ALA B 362 0.47 -29.74 -30.93
N ARG B 363 0.24 -28.78 -30.05
CA ARG B 363 1.41 -27.97 -29.65
C ARG B 363 1.72 -28.16 -28.11
N ARG B 364 1.41 -29.36 -27.64
CA ARG B 364 1.37 -29.67 -26.22
C ARG B 364 2.75 -30.04 -25.74
N ASP B 365 3.69 -30.21 -26.69
CA ASP B 365 5.04 -30.65 -26.33
C ASP B 365 6.17 -29.76 -25.83
N ALA B 366 6.44 -28.66 -26.54
CA ALA B 366 7.44 -27.60 -26.20
C ALA B 366 7.50 -27.19 -24.68
N PHE B 367 8.66 -26.91 -24.11
CA PHE B 367 8.50 -26.57 -22.66
C PHE B 367 8.26 -25.06 -22.54
N GLY B 368 7.04 -24.58 -22.68
CA GLY B 368 6.78 -23.20 -22.32
C GLY B 368 5.51 -22.88 -21.56
N GLU B 369 5.27 -21.56 -21.44
CA GLU B 369 4.07 -21.11 -20.66
C GLU B 369 2.77 -21.46 -21.30
N ALA B 370 2.75 -21.49 -22.62
CA ALA B 370 1.50 -21.75 -23.24
C ALA B 370 1.24 -23.20 -23.06
N GLN B 371 2.30 -23.99 -23.10
CA GLN B 371 2.12 -25.44 -22.95
C GLN B 371 1.60 -25.76 -21.52
N LEU B 372 2.33 -25.22 -20.53
CA LEU B 372 1.95 -25.33 -19.11
C LEU B 372 0.52 -24.88 -18.83
N ALA B 373 0.04 -23.77 -19.48
CA ALA B 373 -1.43 -23.43 -19.41
C ALA B 373 -2.27 -24.57 -19.90
N HIS B 374 -1.86 -25.18 -21.04
CA HIS B 374 -2.68 -26.14 -21.72
C HIS B 374 -2.82 -27.35 -20.80
N ARG B 375 -1.69 -27.74 -20.23
CA ARG B 375 -1.71 -28.98 -19.50
C ARG B 375 -1.94 -28.78 -18.00
N ILE B 376 -2.39 -27.60 -17.61
CA ILE B 376 -2.62 -27.43 -16.18
C ILE B 376 -3.50 -28.53 -15.51
N CYS B 377 -4.33 -29.36 -16.16
CA CYS B 377 -5.17 -30.22 -15.25
C CYS B 377 -4.33 -31.32 -14.77
N ASP B 378 -3.25 -31.63 -15.48
CA ASP B 378 -2.41 -32.76 -14.96
C ASP B 378 -2.06 -32.43 -13.49
N TYR B 379 -1.52 -31.23 -13.24
CA TYR B 379 -1.13 -30.72 -11.89
C TYR B 379 -2.16 -30.29 -10.77
N LEU B 380 -3.46 -30.27 -11.09
CA LEU B 380 -4.45 -29.94 -10.09
C LEU B 380 -4.50 -30.89 -8.89
N PRO B 381 -4.38 -30.36 -7.64
CA PRO B 381 -4.31 -31.27 -6.53
C PRO B 381 -5.70 -31.74 -6.39
N GLU B 382 -5.79 -33.00 -6.02
CA GLU B 382 -7.08 -33.72 -5.97
C GLU B 382 -7.85 -33.22 -4.76
N GLN B 383 -9.11 -32.87 -4.99
CA GLN B 383 -9.94 -32.25 -3.97
C GLN B 383 -9.32 -30.88 -3.52
N GLY B 384 -8.61 -30.19 -4.44
CA GLY B 384 -7.86 -28.94 -4.14
C GLY B 384 -8.56 -27.68 -4.68
N GLN B 385 -7.82 -26.63 -4.99
CA GLN B 385 -8.40 -25.36 -5.38
C GLN B 385 -7.35 -24.60 -6.11
N LEU B 386 -7.79 -23.84 -7.09
CA LEU B 386 -6.83 -23.21 -8.00
C LEU B 386 -6.84 -21.77 -7.68
N PHE B 387 -5.64 -21.19 -7.50
CA PHE B 387 -5.56 -19.74 -7.33
C PHE B 387 -4.81 -19.16 -8.47
N VAL B 388 -5.50 -18.42 -9.26
CA VAL B 388 -4.84 -18.05 -10.47
C VAL B 388 -4.54 -16.52 -10.34
N GLY B 389 -3.41 -16.03 -10.87
CA GLY B 389 -3.04 -14.62 -10.74
C GLY B 389 -3.57 -13.79 -11.92
N ASN B 390 -2.93 -12.68 -12.27
CA ASN B 390 -3.47 -11.84 -13.35
C ASN B 390 -2.45 -11.62 -14.47
N SER B 391 -2.38 -12.46 -15.46
CA SER B 391 -1.03 -12.64 -16.01
C SER B 391 -1.23 -13.38 -17.29
N LEU B 392 -0.32 -13.24 -18.23
CA LEU B 392 -0.64 -13.81 -19.52
C LEU B 392 -0.91 -15.29 -19.34
N VAL B 393 -0.08 -15.92 -18.54
CA VAL B 393 -0.28 -17.31 -18.34
C VAL B 393 -1.74 -17.73 -17.98
N VAL B 394 -2.47 -16.85 -17.27
CA VAL B 394 -3.92 -17.14 -16.99
C VAL B 394 -4.83 -16.75 -18.14
N ARG B 395 -4.41 -15.83 -18.97
CA ARG B 395 -5.10 -15.76 -20.24
C ARG B 395 -4.93 -17.06 -21.06
N LEU B 396 -3.77 -17.71 -20.94
CA LEU B 396 -3.50 -18.96 -21.62
C LEU B 396 -4.31 -20.08 -21.01
N ILE B 397 -4.48 -20.13 -19.70
CA ILE B 397 -5.29 -21.21 -19.16
C ILE B 397 -6.66 -21.13 -19.77
N ASP B 398 -7.21 -19.90 -19.83
CA ASP B 398 -8.59 -19.66 -20.25
C ASP B 398 -8.69 -19.91 -21.74
N ALA B 399 -7.68 -19.57 -22.55
CA ALA B 399 -7.70 -19.81 -23.99
C ALA B 399 -7.33 -21.25 -24.37
N LEU B 400 -6.30 -21.81 -23.80
CA LEU B 400 -5.80 -23.09 -24.29
C LEU B 400 -6.11 -24.34 -23.45
N SER B 401 -6.75 -24.18 -22.31
CA SER B 401 -6.97 -25.35 -21.43
C SER B 401 -8.41 -25.62 -21.23
N GLN B 402 -8.79 -26.68 -20.57
CA GLN B 402 -10.23 -26.93 -20.23
C GLN B 402 -10.36 -27.49 -18.80
N LEU B 403 -10.87 -26.65 -17.89
CA LEU B 403 -10.84 -26.91 -16.46
C LEU B 403 -12.09 -27.61 -16.06
N PRO B 404 -11.94 -28.66 -15.23
CA PRO B 404 -13.06 -29.53 -14.88
C PRO B 404 -14.10 -28.78 -14.08
N ALA B 405 -15.34 -29.07 -14.48
CA ALA B 405 -16.58 -28.60 -13.86
C ALA B 405 -16.50 -28.62 -12.34
N GLY B 406 -16.88 -27.55 -11.70
CA GLY B 406 -16.95 -27.62 -10.22
C GLY B 406 -15.58 -27.76 -9.52
N TYR B 407 -14.48 -27.75 -10.25
CA TYR B 407 -13.25 -27.66 -9.50
C TYR B 407 -13.01 -26.18 -9.25
N PRO B 408 -12.92 -25.78 -7.96
CA PRO B 408 -12.79 -24.37 -7.49
C PRO B 408 -11.69 -23.45 -8.03
N VAL B 409 -12.12 -22.40 -8.74
CA VAL B 409 -11.09 -21.41 -8.99
C VAL B 409 -11.27 -20.17 -8.18
N TYR B 410 -10.16 -19.46 -8.03
CA TYR B 410 -10.16 -18.16 -7.34
C TYR B 410 -9.08 -17.22 -7.86
N SER B 411 -9.35 -15.91 -7.67
CA SER B 411 -8.83 -14.88 -8.54
C SER B 411 -8.99 -13.63 -7.79
N ASN B 412 -8.12 -12.66 -8.03
CA ASN B 412 -8.36 -11.36 -7.65
C ASN B 412 -8.74 -10.63 -8.91
N ARG B 413 -9.87 -10.88 -9.54
CA ARG B 413 -10.07 -10.12 -10.82
C ARG B 413 -11.12 -8.96 -10.75
N GLY B 414 -11.26 -8.31 -9.59
CA GLY B 414 -12.13 -7.14 -9.55
C GLY B 414 -11.37 -6.04 -10.27
N ALA B 415 -10.33 -5.50 -9.66
CA ALA B 415 -9.55 -4.51 -10.39
C ALA B 415 -8.20 -5.10 -10.94
N SER B 416 -8.01 -6.38 -10.70
CA SER B 416 -6.88 -7.11 -11.22
C SER B 416 -5.57 -6.60 -10.89
N GLY B 417 -5.29 -6.13 -9.70
CA GLY B 417 -3.92 -5.59 -9.49
C GLY B 417 -3.04 -6.76 -9.38
N ILE B 418 -1.74 -6.56 -9.45
CA ILE B 418 -0.84 -7.65 -9.23
C ILE B 418 -0.19 -7.34 -7.91
N ASP B 419 -0.91 -6.70 -7.01
CA ASP B 419 -0.20 -6.30 -5.86
C ASP B 419 -0.30 -7.07 -4.59
N GLY B 420 -1.19 -8.05 -4.50
CA GLY B 420 -1.38 -8.86 -3.29
C GLY B 420 -1.71 -10.32 -3.51
N LEU B 421 -1.35 -10.80 -4.70
CA LEU B 421 -1.57 -12.20 -5.05
C LEU B 421 -0.96 -13.23 -4.11
N LEU B 422 0.26 -13.08 -3.61
CA LEU B 422 0.66 -14.21 -2.77
C LEU B 422 -0.13 -14.25 -1.43
N SER B 423 -0.37 -13.07 -0.95
CA SER B 423 -0.92 -12.99 0.35
C SER B 423 -2.43 -13.26 0.20
N THR B 424 -3.03 -12.94 -0.95
CA THR B 424 -4.38 -13.47 -1.13
C THR B 424 -4.36 -14.98 -1.13
N ALA B 425 -3.32 -15.56 -1.72
CA ALA B 425 -3.24 -17.04 -1.91
C ALA B 425 -3.22 -17.67 -0.54
N ALA B 426 -2.42 -17.11 0.37
CA ALA B 426 -2.39 -17.71 1.73
C ALA B 426 -3.79 -17.68 2.38
N GLY B 427 -4.61 -16.66 2.01
CA GLY B 427 -5.91 -16.32 2.70
C GLY B 427 -6.75 -17.39 2.15
N VAL B 428 -6.59 -17.60 0.87
CA VAL B 428 -7.37 -18.62 0.18
C VAL B 428 -7.11 -20.09 0.69
N GLN B 429 -5.83 -20.47 0.96
CA GLN B 429 -5.55 -21.81 1.50
C GLN B 429 -6.10 -21.94 2.89
N ARG B 430 -5.85 -20.92 3.69
CA ARG B 430 -6.20 -21.05 5.10
C ARG B 430 -7.73 -21.14 5.22
N ALA B 431 -8.49 -20.49 4.33
CA ALA B 431 -9.94 -20.45 4.68
C ALA B 431 -10.55 -21.81 4.60
N SER B 432 -10.31 -22.53 3.50
CA SER B 432 -11.01 -23.80 3.23
C SER B 432 -10.22 -25.07 3.70
N GLY B 433 -8.95 -24.93 4.08
CA GLY B 433 -8.11 -26.12 4.44
C GLY B 433 -7.62 -26.96 3.24
N LYS B 434 -7.89 -26.51 1.98
CA LYS B 434 -7.57 -27.41 0.89
C LYS B 434 -6.16 -27.36 0.40
N PRO B 435 -5.65 -28.46 -0.14
CA PRO B 435 -4.38 -28.40 -0.93
C PRO B 435 -4.61 -27.37 -2.03
N THR B 436 -3.66 -26.57 -2.42
CA THR B 436 -3.99 -25.45 -3.28
C THR B 436 -2.88 -25.24 -4.24
N LEU B 437 -3.21 -25.03 -5.51
CA LEU B 437 -2.26 -24.61 -6.49
C LEU B 437 -2.45 -23.13 -6.89
N ALA B 438 -1.34 -22.42 -7.03
CA ALA B 438 -1.42 -21.01 -7.37
C ALA B 438 -0.42 -20.69 -8.44
N ILE B 439 -0.78 -20.05 -9.52
CA ILE B 439 0.30 -19.65 -10.45
C ILE B 439 0.37 -18.16 -10.54
N VAL B 440 1.56 -17.64 -10.79
CA VAL B 440 1.75 -16.20 -10.72
C VAL B 440 2.94 -15.82 -11.61
N GLY B 441 3.08 -14.55 -11.93
CA GLY B 441 4.32 -14.11 -12.59
C GLY B 441 5.45 -13.69 -11.65
N ASP B 442 6.66 -13.75 -12.14
CA ASP B 442 7.82 -13.20 -11.44
C ASP B 442 7.45 -11.85 -10.83
N LEU B 443 6.77 -11.04 -11.63
CA LEU B 443 6.45 -9.70 -11.24
C LEU B 443 5.52 -9.65 -10.01
N SER B 444 4.48 -10.43 -10.11
CA SER B 444 3.67 -10.58 -9.03
C SER B 444 4.46 -11.06 -7.79
N ALA B 445 5.28 -12.07 -8.02
CA ALA B 445 5.87 -12.69 -6.88
C ALA B 445 6.81 -11.75 -6.19
N LEU B 446 7.55 -10.93 -6.92
CA LEU B 446 8.37 -9.88 -6.34
C LEU B 446 7.54 -8.80 -5.66
N TYR B 447 6.50 -8.38 -6.33
CA TYR B 447 5.70 -7.35 -5.84
C TYR B 447 5.24 -7.66 -4.41
N ASP B 448 4.76 -8.86 -4.13
CA ASP B 448 4.22 -9.21 -2.81
C ASP B 448 5.22 -10.23 -2.23
N LEU B 449 6.50 -10.06 -2.51
CA LEU B 449 7.50 -11.00 -2.13
C LEU B 449 7.42 -11.34 -0.65
N ASN B 450 7.27 -10.33 0.14
CA ASN B 450 7.40 -10.64 1.57
C ASN B 450 6.25 -11.52 2.09
N ALA B 451 5.21 -11.83 1.24
CA ALA B 451 4.14 -12.70 1.77
C ALA B 451 4.52 -14.17 1.81
N LEU B 452 5.71 -14.45 1.24
CA LEU B 452 6.30 -15.78 1.41
C LEU B 452 6.24 -16.03 2.92
N ALA B 453 6.46 -14.98 3.70
CA ALA B 453 6.31 -15.26 5.15
C ALA B 453 4.96 -15.88 5.46
N LEU B 454 3.86 -15.42 4.88
CA LEU B 454 2.58 -16.07 5.19
C LEU B 454 2.60 -17.50 4.64
N LEU B 455 3.07 -17.69 3.42
CA LEU B 455 2.98 -18.96 2.86
C LEU B 455 3.82 -19.95 3.67
N ARG B 456 4.76 -19.55 4.48
CA ARG B 456 5.31 -20.49 5.40
C ARG B 456 4.25 -21.27 6.09
N GLN B 457 3.11 -20.66 6.26
CA GLN B 457 2.10 -21.20 7.14
C GLN B 457 0.73 -21.63 6.61
N VAL B 458 0.56 -22.92 6.37
CA VAL B 458 -0.58 -23.39 5.64
C VAL B 458 -1.08 -24.62 6.33
N SER B 459 -2.40 -24.87 6.29
CA SER B 459 -2.90 -25.98 7.00
C SER B 459 -2.82 -27.18 6.12
N ALA B 460 -2.32 -27.04 4.89
CA ALA B 460 -2.28 -28.15 3.92
C ALA B 460 -1.31 -27.74 2.76
N PRO B 461 -0.90 -28.68 1.87
CA PRO B 461 0.21 -28.22 0.91
C PRO B 461 -0.20 -27.11 -0.02
N LEU B 462 0.68 -26.18 -0.30
CA LEU B 462 0.39 -25.13 -1.21
C LEU B 462 1.56 -25.18 -2.21
N VAL B 463 1.23 -25.35 -3.48
CA VAL B 463 2.23 -25.11 -4.50
C VAL B 463 2.16 -23.71 -5.17
N LEU B 464 3.23 -22.93 -5.08
CA LEU B 464 3.19 -21.61 -5.78
C LEU B 464 4.08 -21.81 -7.02
N ILE B 465 3.45 -21.90 -8.20
CA ILE B 465 4.15 -21.99 -9.47
C ILE B 465 4.45 -20.54 -9.75
N VAL B 466 5.67 -20.24 -10.16
CA VAL B 466 5.95 -18.85 -10.49
C VAL B 466 6.46 -18.85 -11.93
N VAL B 467 5.64 -18.36 -12.89
CA VAL B 467 6.03 -18.29 -14.26
C VAL B 467 6.86 -17.04 -14.43
N ASN B 468 8.21 -17.22 -14.39
CA ASN B 468 9.18 -16.12 -14.49
C ASN B 468 9.74 -15.90 -15.89
N ASN B 469 9.66 -14.70 -16.40
CA ASN B 469 10.01 -14.45 -17.76
C ASN B 469 11.10 -13.42 -17.86
N ASN B 470 12.10 -13.54 -16.97
CA ASN B 470 13.28 -12.66 -17.00
C ASN B 470 12.87 -11.17 -16.82
N ASN B 494 16.65 -10.73 -14.14
CA ASN B 494 17.70 -11.72 -13.97
C ASN B 494 17.68 -12.22 -12.54
N VAL B 495 16.54 -12.04 -11.90
CA VAL B 495 16.35 -12.49 -10.54
C VAL B 495 15.67 -13.84 -10.66
N HIS B 496 15.94 -14.68 -9.66
CA HIS B 496 15.29 -15.96 -9.55
C HIS B 496 14.92 -16.14 -8.06
N PHE B 497 13.97 -17.05 -7.82
CA PHE B 497 13.35 -17.14 -6.57
C PHE B 497 13.99 -18.09 -5.61
N GLU B 498 15.12 -18.68 -6.04
CA GLU B 498 15.79 -19.64 -5.17
C GLU B 498 16.12 -19.02 -3.77
N HIS B 499 16.77 -17.86 -3.70
CA HIS B 499 17.07 -17.35 -2.36
C HIS B 499 15.87 -16.85 -1.53
N ALA B 500 14.70 -16.66 -2.11
CA ALA B 500 13.56 -16.08 -1.45
C ALA B 500 12.98 -17.24 -0.78
N ALA B 501 12.76 -18.28 -1.55
CA ALA B 501 12.46 -19.56 -1.01
C ALA B 501 13.41 -19.93 0.16
N ALA B 502 14.71 -19.71 -0.03
CA ALA B 502 15.62 -20.03 1.06
C ALA B 502 15.43 -19.13 2.32
N MET B 503 15.35 -17.80 2.17
CA MET B 503 15.00 -16.92 3.27
C MET B 503 13.82 -17.53 4.18
N PHE B 504 12.77 -17.98 3.54
CA PHE B 504 11.61 -18.42 4.30
C PHE B 504 11.45 -19.93 4.51
N GLU B 505 12.43 -20.72 4.12
CA GLU B 505 12.52 -22.14 4.42
C GLU B 505 11.41 -22.82 3.79
N LEU B 506 11.29 -22.50 2.53
CA LEU B 506 10.36 -23.14 1.68
C LEU B 506 11.18 -23.98 0.69
N LYS B 507 10.68 -25.16 0.41
CA LYS B 507 11.21 -25.97 -0.72
C LYS B 507 11.07 -25.26 -2.04
N TYR B 508 12.03 -25.50 -2.88
CA TYR B 508 12.12 -24.82 -4.19
C TYR B 508 12.52 -25.74 -5.37
N HIS B 509 11.89 -25.61 -6.51
CA HIS B 509 12.42 -26.31 -7.70
C HIS B 509 12.43 -25.38 -8.84
N ARG B 510 13.32 -25.63 -9.78
CA ARG B 510 13.22 -24.98 -11.09
C ARG B 510 13.35 -25.96 -12.22
N PRO B 511 12.31 -26.76 -12.51
CA PRO B 511 12.38 -27.76 -13.50
C PRO B 511 12.76 -27.19 -14.85
N GLN B 512 13.52 -28.00 -15.62
CA GLN B 512 13.86 -27.65 -17.01
C GLN B 512 13.08 -28.38 -18.10
N ASN B 513 12.15 -29.27 -17.72
CA ASN B 513 11.21 -29.94 -18.64
C ASN B 513 10.15 -30.71 -17.87
N TRP B 514 9.20 -31.31 -18.60
CA TRP B 514 8.06 -32.04 -18.04
C TRP B 514 8.42 -33.15 -17.08
N GLN B 515 9.62 -33.75 -17.19
CA GLN B 515 10.04 -34.80 -16.21
C GLN B 515 10.50 -34.14 -14.90
N GLU B 516 11.33 -33.09 -15.04
CA GLU B 516 11.64 -32.27 -13.87
C GLU B 516 10.43 -31.64 -13.13
N LEU B 517 9.40 -31.19 -13.89
CA LEU B 517 8.17 -30.63 -13.35
C LEU B 517 7.32 -31.64 -12.58
N GLU B 518 7.15 -32.83 -13.12
CA GLU B 518 6.44 -33.90 -12.43
C GLU B 518 7.02 -34.37 -11.11
N THR B 519 8.34 -34.33 -11.06
CA THR B 519 9.11 -34.71 -9.93
C THR B 519 8.88 -33.67 -8.79
N ALA B 520 9.21 -32.42 -9.10
CA ALA B 520 8.81 -31.23 -8.28
C ALA B 520 7.44 -31.43 -7.61
N PHE B 521 6.39 -31.72 -8.40
CA PHE B 521 5.02 -31.89 -7.85
C PHE B 521 4.84 -33.09 -6.95
N ALA B 522 5.62 -34.14 -7.16
CA ALA B 522 5.43 -35.44 -6.52
C ALA B 522 5.60 -35.20 -5.07
N ASP B 523 6.74 -34.61 -4.76
CA ASP B 523 7.07 -34.16 -3.44
C ASP B 523 6.02 -33.30 -2.70
N ALA B 524 5.55 -32.27 -3.42
CA ALA B 524 5.06 -31.06 -2.81
C ALA B 524 3.75 -31.30 -2.15
N TRP B 525 3.10 -32.39 -2.54
CA TRP B 525 1.82 -32.75 -1.95
C TRP B 525 1.81 -33.47 -0.56
N ARG B 526 2.96 -33.83 0.00
CA ARG B 526 2.85 -34.63 1.24
C ARG B 526 2.57 -33.82 2.52
N THR B 527 2.87 -32.53 2.54
CA THR B 527 2.91 -31.83 3.81
C THR B 527 2.40 -30.44 3.75
N PRO B 528 1.97 -29.97 4.92
CA PRO B 528 1.36 -28.67 5.14
C PRO B 528 2.40 -27.60 4.97
N THR B 529 2.93 -27.48 3.75
CA THR B 529 3.88 -26.38 3.47
C THR B 529 3.89 -25.84 2.04
N THR B 530 4.54 -24.72 1.84
CA THR B 530 4.48 -24.15 0.54
C THR B 530 5.77 -24.51 -0.19
N THR B 531 5.63 -25.06 -1.39
CA THR B 531 6.77 -25.39 -2.24
C THR B 531 6.80 -24.41 -3.39
N VAL B 532 7.86 -23.60 -3.56
CA VAL B 532 7.87 -22.66 -4.65
C VAL B 532 8.40 -23.42 -5.84
N ILE B 533 7.80 -23.29 -7.03
CA ILE B 533 8.29 -23.95 -8.29
C ILE B 533 8.50 -22.97 -9.43
N GLU B 534 9.70 -22.53 -9.73
CA GLU B 534 9.87 -21.47 -10.72
C GLU B 534 10.04 -22.06 -12.13
N MET B 535 9.19 -21.70 -13.09
CA MET B 535 9.32 -22.13 -14.48
C MET B 535 9.89 -20.99 -15.22
N VAL B 536 11.14 -21.06 -15.65
CA VAL B 536 11.65 -19.99 -16.59
C VAL B 536 11.21 -20.00 -18.13
N VAL B 537 10.77 -18.86 -18.69
CA VAL B 537 10.33 -18.78 -20.10
C VAL B 537 10.76 -17.46 -20.80
N ASN B 538 10.57 -17.37 -22.13
CA ASN B 538 10.69 -16.11 -22.94
C ASN B 538 9.55 -15.11 -22.65
N ASP B 539 9.84 -13.85 -23.00
CA ASP B 539 8.89 -12.73 -23.09
C ASP B 539 7.99 -12.92 -24.30
N THR B 540 8.24 -13.90 -25.20
CA THR B 540 7.48 -13.92 -26.47
C THR B 540 6.77 -15.20 -26.89
N ASP B 541 7.25 -16.36 -26.43
CA ASP B 541 6.83 -17.70 -26.95
C ASP B 541 5.39 -17.82 -26.75
N GLY B 542 5.04 -17.49 -25.49
CA GLY B 542 3.70 -17.62 -25.01
C GLY B 542 2.76 -16.78 -25.85
N ALA B 543 3.05 -15.51 -26.13
CA ALA B 543 2.11 -14.80 -27.02
C ALA B 543 2.13 -15.33 -28.49
N GLN B 544 3.32 -15.73 -28.97
CA GLN B 544 3.44 -16.15 -30.35
C GLN B 544 2.55 -17.36 -30.48
N THR B 545 2.69 -18.26 -29.51
CA THR B 545 2.00 -19.53 -29.60
C THR B 545 0.48 -19.30 -29.76
N LEU B 546 -0.04 -18.38 -28.95
CA LEU B 546 -1.43 -17.93 -29.03
C LEU B 546 -1.84 -17.25 -30.36
N GLN B 547 -1.08 -16.21 -30.79
CA GLN B 547 -1.31 -15.58 -32.12
C GLN B 547 -1.46 -16.69 -33.18
N GLN B 548 -0.49 -17.61 -33.18
CA GLN B 548 -0.41 -18.59 -34.21
C GLN B 548 -1.63 -19.52 -34.10
N LEU B 549 -1.94 -19.96 -32.90
CA LEU B 549 -3.14 -20.73 -32.69
C LEU B 549 -4.45 -19.93 -32.95
N LEU B 550 -4.46 -18.63 -32.70
CA LEU B 550 -5.61 -17.85 -33.07
C LEU B 550 -5.87 -18.00 -34.60
N ALA B 551 -4.78 -17.78 -35.40
CA ALA B 551 -4.83 -17.80 -36.92
C ALA B 551 -5.30 -19.16 -37.50
N GLN B 552 -4.64 -20.22 -37.06
CA GLN B 552 -4.95 -21.53 -37.56
C GLN B 552 -6.44 -21.86 -37.27
N VAL B 553 -6.97 -21.30 -36.21
CA VAL B 553 -8.35 -21.60 -35.95
C VAL B 553 -9.22 -20.67 -36.76
N SER B 554 -8.83 -19.42 -36.88
CA SER B 554 -9.55 -18.51 -37.79
C SER B 554 -9.56 -18.98 -39.25
N HIS B 555 -8.82 -20.03 -39.58
CA HIS B 555 -8.84 -20.57 -40.93
C HIS B 555 -9.60 -21.86 -41.06
N LEU B 556 -9.94 -22.60 -40.03
CA LEU B 556 -10.72 -23.78 -40.46
C LEU B 556 -12.19 -23.52 -40.81
#